data_1GPE
#
_entry.id   1GPE
#
_cell.length_a   57.600
_cell.length_b   132.100
_cell.length_c   151.300
_cell.angle_alpha   90.00
_cell.angle_beta   90.00
_cell.angle_gamma   90.00
#
_symmetry.space_group_name_H-M   'P 21 21 21'
#
loop_
_entity.id
_entity.type
_entity.pdbx_description
1 polymer 'PROTEIN (GLUCOSE OXIDASE)'
2 branched alpha-D-mannopyranose-(1-2)-alpha-D-mannopyranose-(1-3)-beta-D-mannopyranose-(1-4)-2-acetamido-2-deoxy-beta-D-glucopyranose-(1-4)-2-acetamido-2-deoxy-beta-D-glucopyranose
3 branched 2-acetamido-2-deoxy-beta-D-glucopyranose-(1-4)-2-acetamido-2-deoxy-beta-D-glucopyranose
4 non-polymer 2-acetamido-2-deoxy-beta-D-glucopyranose
5 non-polymer 'FLAVIN-ADENINE DINUCLEOTIDE'
6 water water
#
_entity_poly.entity_id   1
_entity_poly.type   'polypeptide(L)'
_entity_poly.pdbx_seq_one_letter_code
;YLPAQQIDVQSSLLSDPSKVAGKTYDYIIAGGGLTGLTVAAKLTENPKIKVLVIEKGFYESNDGAIIEDPNAYGQIFGTT
VDQNYLTVPLINNRTNNIKAGKGLGGSTLINGDSWTRPDKVQIDSWEKVFGMEGWNWDNMFEYMKKAEAARTPTAAQLAA
GHSFNATCHGTNGTVQSGARDNGQPWSPIMKALMNTVSALGVPVQQDFLCGHPRGVSMIMNNLDENQVRVDAARAWLLPN
YQRSNLEILTGQMVGKVLFKQTASGPQAVGVNFGTNKAVNFDVFAKHEVLLAAGSAISPLILEYSGIGLKSVLDQANVTQ
LLDLPVGINMQDQTTTTVSSRASSAGAGQGQAVFFANFTETFGDYAPQARDLLNTKLDQWAEETVARGGFHNVTALKVQY
ENYRNWLLDEDVAFAELFMDTEGKINFDLWDLIPFTRGSVHILSSDPYLWQFANDPKFFLNEFDLLGQAAASKLARDLTS
QGAMKEYFAGETLPGYNLVQNATLSQWSDYVLQNFRPNWHAVSSCSMMSRELGGVVDATAKVYGTQGLRVIDGSIPPTQV
SSHVMTIFYGMALKVADAILDDYAKSA
;
_entity_poly.pdbx_strand_id   A,B
#
# COMPACT_ATOMS: atom_id res chain seq x y z
N TYR A 1 29.87 2.08 2.83
CA TYR A 1 29.26 1.93 1.49
C TYR A 1 29.74 3.02 0.56
N LEU A 2 29.98 2.67 -0.70
CA LEU A 2 30.41 3.64 -1.69
C LEU A 2 29.74 3.33 -3.02
N PRO A 3 28.93 4.27 -3.50
CA PRO A 3 28.24 4.11 -4.76
C PRO A 3 29.24 3.95 -5.89
N ALA A 4 29.27 2.77 -6.49
CA ALA A 4 30.18 2.54 -7.62
C ALA A 4 29.37 2.72 -8.90
N GLN A 5 30.07 2.78 -10.02
CA GLN A 5 29.39 2.90 -11.31
C GLN A 5 28.71 1.58 -11.64
N GLN A 6 27.41 1.62 -11.86
CA GLN A 6 26.66 0.39 -12.12
C GLN A 6 26.27 0.24 -13.59
N ILE A 7 26.16 -1.01 -14.02
CA ILE A 7 25.75 -1.28 -15.39
C ILE A 7 24.25 -1.04 -15.53
N ASP A 8 23.86 -0.41 -16.62
CA ASP A 8 22.42 -0.20 -16.87
C ASP A 8 21.90 -1.44 -17.57
N VAL A 9 21.59 -2.46 -16.78
CA VAL A 9 21.06 -3.70 -17.36
C VAL A 9 19.71 -3.45 -18.02
N GLN A 10 18.90 -2.59 -17.41
CA GLN A 10 17.56 -2.34 -17.93
C GLN A 10 17.54 -2.04 -19.40
N SER A 11 18.44 -1.20 -19.90
CA SER A 11 18.49 -0.83 -21.31
C SER A 11 18.69 -2.00 -22.25
N SER A 12 19.20 -3.13 -21.78
CA SER A 12 19.38 -4.31 -22.60
C SER A 12 18.24 -5.30 -22.42
N LEU A 13 17.28 -4.97 -21.55
CA LEU A 13 16.16 -5.87 -21.34
C LEU A 13 14.96 -5.37 -22.14
N LEU A 14 13.92 -6.19 -22.18
CA LEU A 14 12.75 -5.77 -22.97
C LEU A 14 11.76 -5.04 -22.08
N SER A 15 11.14 -4.01 -22.64
CA SER A 15 10.10 -3.32 -21.89
C SER A 15 8.92 -3.13 -22.84
N ASP A 16 9.08 -3.59 -24.08
CA ASP A 16 7.98 -3.49 -25.05
C ASP A 16 7.36 -4.88 -25.15
N PRO A 17 6.13 -5.01 -24.70
CA PRO A 17 5.45 -6.31 -24.69
C PRO A 17 5.19 -6.83 -26.08
N SER A 18 5.07 -5.94 -27.05
CA SER A 18 4.82 -6.32 -28.43
C SER A 18 6.03 -7.03 -29.01
N LYS A 19 7.22 -6.88 -28.42
CA LYS A 19 8.39 -7.58 -28.89
C LYS A 19 8.35 -9.05 -28.49
N VAL A 20 7.55 -9.44 -27.50
CA VAL A 20 7.55 -10.85 -27.12
C VAL A 20 6.20 -11.48 -27.42
N ALA A 21 5.17 -10.65 -27.52
CA ALA A 21 3.81 -11.17 -27.74
C ALA A 21 3.79 -12.14 -28.91
N GLY A 22 3.26 -13.35 -28.68
CA GLY A 22 3.10 -14.31 -29.76
C GLY A 22 4.32 -15.18 -29.99
N LYS A 23 5.43 -14.86 -29.32
CA LYS A 23 6.62 -15.68 -29.50
C LYS A 23 6.47 -16.96 -28.70
N THR A 24 7.37 -17.89 -29.02
CA THR A 24 7.41 -19.15 -28.31
C THR A 24 8.81 -19.27 -27.71
N TYR A 25 8.86 -19.51 -26.42
CA TYR A 25 10.11 -19.74 -25.72
C TYR A 25 10.09 -21.16 -25.19
N ASP A 26 11.23 -21.66 -24.73
CA ASP A 26 11.19 -22.99 -24.14
C ASP A 26 10.47 -22.91 -22.82
N TYR A 27 10.89 -21.93 -22.00
CA TYR A 27 10.34 -21.72 -20.69
C TYR A 27 9.93 -20.25 -20.53
N ILE A 28 8.84 -20.11 -19.83
CA ILE A 28 8.39 -18.78 -19.47
C ILE A 28 8.37 -18.78 -17.95
N ILE A 29 9.05 -17.78 -17.39
CA ILE A 29 9.11 -17.66 -15.95
C ILE A 29 8.33 -16.40 -15.59
N ALA A 30 7.31 -16.60 -14.79
CA ALA A 30 6.49 -15.46 -14.37
C ALA A 30 7.12 -14.93 -13.09
N GLY A 31 7.83 -13.81 -13.15
CA GLY A 31 8.37 -13.29 -11.87
C GLY A 31 9.89 -13.41 -11.94
N GLY A 32 10.54 -12.25 -11.90
CA GLY A 32 12.03 -12.31 -12.01
C GLY A 32 12.56 -12.00 -10.61
N GLY A 33 12.16 -12.78 -9.61
CA GLY A 33 12.57 -12.59 -8.24
C GLY A 33 13.70 -13.59 -7.92
N LEU A 34 13.77 -13.90 -6.65
CA LEU A 34 14.85 -14.78 -6.17
C LEU A 34 14.86 -16.07 -7.00
N THR A 35 13.73 -16.78 -6.90
CA THR A 35 13.70 -18.10 -7.55
C THR A 35 13.61 -17.99 -9.05
N GLY A 36 12.87 -17.01 -9.57
CA GLY A 36 12.71 -16.88 -11.00
C GLY A 36 14.03 -16.64 -11.71
N LEU A 37 14.85 -15.75 -11.15
CA LEU A 37 16.12 -15.42 -11.78
C LEU A 37 17.14 -16.54 -11.59
N THR A 38 17.10 -17.16 -10.43
CA THR A 38 18.03 -18.28 -10.20
C THR A 38 17.74 -19.35 -11.25
N VAL A 39 16.46 -19.70 -11.38
CA VAL A 39 16.12 -20.75 -12.36
C VAL A 39 16.40 -20.31 -13.77
N ALA A 40 16.08 -19.05 -14.09
CA ALA A 40 16.32 -18.56 -15.43
C ALA A 40 17.81 -18.65 -15.77
N ALA A 41 18.64 -18.30 -14.79
CA ALA A 41 20.09 -18.34 -15.02
C ALA A 41 20.52 -19.80 -15.22
N LYS A 42 20.04 -20.71 -14.39
CA LYS A 42 20.44 -22.11 -14.54
C LYS A 42 19.97 -22.69 -15.85
N LEU A 43 18.72 -22.38 -16.23
CA LEU A 43 18.20 -22.91 -17.49
C LEU A 43 18.95 -22.37 -18.69
N THR A 44 19.34 -21.08 -18.67
CA THR A 44 20.00 -20.50 -19.83
C THR A 44 21.49 -20.75 -19.89
N GLU A 45 22.01 -21.56 -18.98
CA GLU A 45 23.39 -22.03 -19.06
C GLU A 45 23.52 -22.92 -20.30
N ASN A 46 22.43 -23.58 -20.64
CA ASN A 46 22.31 -24.33 -21.87
C ASN A 46 21.87 -23.32 -22.92
N PRO A 47 22.75 -23.00 -23.86
CA PRO A 47 22.51 -22.02 -24.90
C PRO A 47 21.32 -22.28 -25.81
N LYS A 48 20.82 -23.50 -25.86
CA LYS A 48 19.70 -23.89 -26.67
C LYS A 48 18.35 -23.71 -25.97
N ILE A 49 18.41 -23.41 -24.67
CA ILE A 49 17.15 -23.24 -23.93
C ILE A 49 16.81 -21.75 -23.94
N LYS A 50 15.68 -21.43 -24.55
CA LYS A 50 15.25 -20.05 -24.68
C LYS A 50 14.30 -19.75 -23.53
N VAL A 51 14.67 -18.79 -22.69
CA VAL A 51 13.85 -18.52 -21.52
C VAL A 51 13.40 -17.07 -21.56
N LEU A 52 12.12 -16.91 -21.27
CA LEU A 52 11.56 -15.57 -21.13
C LEU A 52 11.20 -15.42 -19.66
N VAL A 53 11.68 -14.35 -19.02
CA VAL A 53 11.28 -14.05 -17.67
C VAL A 53 10.38 -12.81 -17.83
N ILE A 54 9.19 -12.90 -17.27
CA ILE A 54 8.31 -11.73 -17.31
C ILE A 54 8.29 -11.21 -15.87
N GLU A 55 8.74 -9.97 -15.73
CA GLU A 55 8.87 -9.40 -14.39
C GLU A 55 8.04 -8.12 -14.34
N LYS A 56 7.31 -7.99 -13.26
CA LYS A 56 6.41 -6.86 -13.10
C LYS A 56 7.17 -5.54 -13.03
N GLY A 57 8.32 -5.59 -12.33
CA GLY A 57 9.13 -4.40 -12.18
C GLY A 57 10.26 -4.44 -13.20
N PHE A 58 11.30 -3.68 -12.80
CA PHE A 58 12.43 -3.43 -13.68
C PHE A 58 13.74 -3.75 -12.95
N TYR A 59 14.80 -3.40 -13.64
CA TYR A 59 16.12 -3.59 -13.03
C TYR A 59 16.32 -2.45 -12.04
N GLU A 60 16.57 -2.79 -10.80
CA GLU A 60 16.67 -1.81 -9.73
C GLU A 60 18.01 -1.92 -8.99
N SER A 61 18.82 -2.86 -9.40
CA SER A 61 20.05 -3.16 -8.64
C SER A 61 21.08 -2.04 -8.68
N ASN A 62 20.93 -1.15 -9.63
CA ASN A 62 21.77 0.02 -9.80
C ASN A 62 21.06 1.27 -9.31
N ASP A 63 20.14 1.18 -8.35
CA ASP A 63 19.45 2.37 -7.86
C ASP A 63 20.27 3.15 -6.84
N GLY A 64 21.46 2.68 -6.53
CA GLY A 64 22.27 3.40 -5.54
C GLY A 64 21.98 2.79 -4.18
N ALA A 65 22.31 3.55 -3.15
CA ALA A 65 22.25 3.14 -1.77
C ALA A 65 20.94 2.53 -1.32
N ILE A 66 19.81 3.07 -1.81
CA ILE A 66 18.52 2.59 -1.33
C ILE A 66 18.36 1.10 -1.55
N ILE A 67 18.97 0.58 -2.61
CA ILE A 67 18.97 -0.85 -2.88
C ILE A 67 20.31 -1.48 -2.46
N GLU A 68 21.38 -0.85 -2.93
CA GLU A 68 22.71 -1.44 -2.80
C GLU A 68 23.25 -1.55 -1.40
N ASP A 69 22.92 -0.59 -0.57
CA ASP A 69 23.42 -0.56 0.79
C ASP A 69 22.45 -1.23 1.71
N PRO A 70 22.86 -2.30 2.37
CA PRO A 70 22.06 -3.02 3.34
C PRO A 70 21.65 -2.14 4.50
N ASN A 71 22.47 -1.11 4.82
CA ASN A 71 22.15 -0.23 5.92
C ASN A 71 21.00 0.72 5.60
N ALA A 72 20.60 0.82 4.35
CA ALA A 72 19.46 1.67 3.98
C ALA A 72 18.16 0.86 4.03
N TYR A 73 18.22 -0.34 4.57
CA TYR A 73 17.07 -1.21 4.69
C TYR A 73 15.81 -0.45 5.10
N GLY A 74 14.73 -0.66 4.36
CA GLY A 74 13.46 -0.07 4.72
C GLY A 74 13.17 1.26 4.05
N GLN A 75 14.19 1.94 3.53
CA GLN A 75 13.94 3.20 2.85
C GLN A 75 13.17 2.95 1.55
N ILE A 76 13.40 1.79 0.95
CA ILE A 76 12.71 1.42 -0.28
C ILE A 76 11.22 1.18 -0.06
N PHE A 77 10.77 0.95 1.16
CA PHE A 77 9.35 0.65 1.38
C PHE A 77 8.51 1.84 0.94
N GLY A 78 7.42 1.51 0.20
CA GLY A 78 6.58 2.63 -0.25
C GLY A 78 6.98 3.12 -1.62
N THR A 79 8.15 2.75 -2.14
CA THR A 79 8.55 3.18 -3.47
C THR A 79 7.93 2.20 -4.47
N THR A 80 8.21 2.39 -5.75
CA THR A 80 7.68 1.51 -6.77
C THR A 80 8.34 0.13 -6.69
N VAL A 81 9.41 -0.02 -5.92
CA VAL A 81 10.07 -1.30 -5.79
C VAL A 81 9.42 -2.13 -4.70
N ASP A 82 8.48 -1.53 -3.98
CA ASP A 82 7.74 -2.18 -2.93
C ASP A 82 6.35 -2.51 -3.46
N GLN A 83 6.06 -3.81 -3.56
CA GLN A 83 4.74 -4.21 -4.04
C GLN A 83 3.66 -3.59 -3.16
N ASN A 84 3.88 -3.62 -1.86
CA ASN A 84 3.04 -3.01 -0.87
C ASN A 84 1.63 -3.56 -1.00
N TYR A 85 1.58 -4.89 -0.99
CA TYR A 85 0.29 -5.56 -1.09
C TYR A 85 -0.49 -5.28 0.18
N LEU A 86 -1.81 -5.20 0.01
CA LEU A 86 -2.64 -4.99 1.19
C LEU A 86 -3.29 -6.31 1.59
N THR A 87 -3.29 -6.57 2.88
CA THR A 87 -3.99 -7.77 3.35
C THR A 87 -5.46 -7.38 3.53
N VAL A 88 -6.26 -8.37 3.89
CA VAL A 88 -7.62 -8.11 4.34
C VAL A 88 -7.45 -7.55 5.74
N PRO A 89 -8.49 -6.98 6.31
CA PRO A 89 -8.45 -6.51 7.69
C PRO A 89 -8.13 -7.71 8.56
N LEU A 90 -7.08 -7.57 9.36
CA LEU A 90 -6.62 -8.66 10.22
C LEU A 90 -7.36 -8.67 11.53
N ILE A 91 -6.86 -9.49 12.44
CA ILE A 91 -7.44 -9.67 13.76
C ILE A 91 -7.59 -8.38 14.53
N ASN A 92 -6.75 -7.39 14.31
CA ASN A 92 -6.84 -6.10 14.99
C ASN A 92 -7.71 -5.12 14.20
N ASN A 93 -8.41 -5.60 13.18
CA ASN A 93 -9.32 -4.84 12.35
C ASN A 93 -8.68 -3.78 11.49
N ARG A 94 -7.40 -3.95 11.24
CA ARG A 94 -6.63 -3.05 10.40
C ARG A 94 -6.11 -3.92 9.25
N THR A 95 -6.04 -3.33 8.08
CA THR A 95 -5.41 -4.06 6.98
C THR A 95 -3.93 -3.88 7.31
N ASN A 96 -3.06 -4.67 6.67
CA ASN A 96 -1.65 -4.47 6.94
C ASN A 96 -1.00 -4.52 5.56
N ASN A 97 0.20 -4.00 5.47
CA ASN A 97 0.88 -3.95 4.19
C ASN A 97 1.86 -5.12 4.14
N ILE A 98 1.92 -5.70 2.95
CA ILE A 98 2.91 -6.75 2.78
C ILE A 98 4.05 -6.13 1.96
N LYS A 99 5.23 -6.07 2.55
CA LYS A 99 6.36 -5.61 1.76
C LYS A 99 6.77 -6.79 0.86
N ALA A 100 7.10 -6.50 -0.37
CA ALA A 100 7.54 -7.53 -1.31
C ALA A 100 8.24 -6.71 -2.38
N GLY A 101 9.30 -7.27 -2.95
CA GLY A 101 10.01 -6.49 -3.95
C GLY A 101 9.30 -6.57 -5.29
N LYS A 102 9.41 -5.46 -6.00
CA LYS A 102 8.88 -5.35 -7.35
C LYS A 102 10.05 -4.90 -8.22
N GLY A 103 10.58 -5.82 -8.98
CA GLY A 103 11.73 -5.51 -9.82
C GLY A 103 12.55 -6.80 -9.85
N LEU A 104 13.49 -6.81 -10.76
CA LEU A 104 14.36 -7.98 -10.93
C LEU A 104 15.08 -8.24 -9.63
N GLY A 105 14.91 -9.46 -9.12
CA GLY A 105 15.49 -9.81 -7.83
C GLY A 105 14.37 -9.88 -6.79
N GLY A 106 13.18 -9.39 -7.16
CA GLY A 106 12.05 -9.47 -6.24
C GLY A 106 12.40 -8.92 -4.88
N SER A 107 12.00 -9.66 -3.84
CA SER A 107 12.16 -9.24 -2.46
C SER A 107 13.60 -9.23 -2.01
N THR A 108 14.51 -9.77 -2.80
CA THR A 108 15.94 -9.70 -2.46
C THR A 108 16.45 -8.28 -2.65
N LEU A 109 15.68 -7.46 -3.38
CA LEU A 109 16.04 -6.07 -3.57
C LEU A 109 15.83 -5.25 -2.32
N ILE A 110 14.86 -5.63 -1.50
CA ILE A 110 14.42 -4.82 -0.36
C ILE A 110 14.54 -5.46 0.98
N ASN A 111 15.11 -6.65 1.03
CA ASN A 111 15.09 -7.42 2.28
C ASN A 111 16.23 -7.04 3.21
N GLY A 112 16.24 -7.67 4.38
CA GLY A 112 17.18 -7.34 5.44
C GLY A 112 18.55 -7.95 5.26
N ASP A 113 18.76 -8.73 4.21
CA ASP A 113 20.01 -9.37 3.89
C ASP A 113 20.47 -10.44 4.86
N SER A 114 19.66 -10.87 5.79
CA SER A 114 20.01 -11.86 6.80
C SER A 114 20.17 -13.18 6.08
N TRP A 115 21.31 -13.82 6.33
CA TRP A 115 21.62 -15.03 5.57
C TRP A 115 21.83 -16.16 6.57
N THR A 116 20.78 -16.94 6.80
CA THR A 116 20.85 -18.00 7.79
C THR A 116 20.14 -19.19 7.13
N ARG A 117 20.29 -20.36 7.70
CA ARG A 117 19.65 -21.53 7.10
C ARG A 117 18.77 -22.26 8.10
N PRO A 118 17.79 -22.98 7.55
CA PRO A 118 16.83 -23.67 8.40
C PRO A 118 17.52 -24.72 9.25
N ASP A 119 16.68 -25.30 10.10
CA ASP A 119 17.10 -26.42 10.94
C ASP A 119 17.03 -27.66 10.06
N LYS A 120 18.00 -28.55 10.22
CA LYS A 120 18.06 -29.79 9.49
C LYS A 120 16.73 -30.54 9.61
N VAL A 121 16.15 -30.57 10.82
CA VAL A 121 14.95 -31.38 10.98
C VAL A 121 13.79 -30.80 10.17
N GLN A 122 13.78 -29.47 9.99
CA GLN A 122 12.69 -28.89 9.22
C GLN A 122 12.76 -29.28 7.77
N ILE A 123 13.97 -29.25 7.17
CA ILE A 123 14.07 -29.59 5.77
C ILE A 123 13.89 -31.10 5.61
N ASP A 124 14.43 -31.85 6.56
CA ASP A 124 14.27 -33.31 6.47
C ASP A 124 12.79 -33.68 6.45
N SER A 125 11.95 -32.97 7.19
CA SER A 125 10.53 -33.27 7.23
C SER A 125 9.87 -33.11 5.88
N TRP A 126 10.41 -32.30 4.96
CA TRP A 126 9.80 -32.19 3.64
C TRP A 126 9.79 -33.54 2.95
N GLU A 127 10.90 -34.28 3.17
CA GLU A 127 10.96 -35.59 2.54
C GLU A 127 10.28 -36.61 3.44
N LYS A 128 10.65 -36.59 4.72
CA LYS A 128 10.23 -37.63 5.64
C LYS A 128 8.75 -37.61 5.99
N VAL A 129 8.19 -36.42 6.06
CA VAL A 129 6.81 -36.25 6.47
C VAL A 129 5.96 -35.90 5.25
N PHE A 130 6.41 -34.89 4.49
CA PHE A 130 5.61 -34.44 3.35
C PHE A 130 5.79 -35.27 2.12
N GLY A 131 6.71 -36.24 2.14
CA GLY A 131 6.87 -37.17 1.05
C GLY A 131 7.54 -36.64 -0.18
N MET A 132 8.22 -35.50 -0.09
CA MET A 132 8.86 -34.88 -1.24
C MET A 132 10.27 -35.43 -1.39
N GLU A 133 10.37 -36.38 -2.30
CA GLU A 133 11.58 -37.11 -2.50
C GLU A 133 12.80 -36.22 -2.77
N GLY A 134 13.88 -36.44 -2.01
CA GLY A 134 15.08 -35.67 -2.31
C GLY A 134 15.12 -34.34 -1.59
N TRP A 135 14.05 -33.91 -0.93
CA TRP A 135 14.04 -32.65 -0.21
C TRP A 135 14.36 -32.89 1.25
N ASN A 136 15.65 -33.09 1.51
CA ASN A 136 16.09 -33.36 2.86
C ASN A 136 17.28 -32.43 3.12
N TRP A 137 17.62 -32.36 4.39
CA TRP A 137 18.70 -31.45 4.78
C TRP A 137 19.97 -31.73 4.02
N ASP A 138 20.44 -32.99 4.01
CA ASP A 138 21.69 -33.28 3.32
C ASP A 138 21.70 -32.78 1.89
N ASN A 139 20.67 -33.04 1.09
CA ASN A 139 20.61 -32.55 -0.27
C ASN A 139 20.54 -31.02 -0.33
N MET A 140 19.69 -30.42 0.49
CA MET A 140 19.49 -28.97 0.45
C MET A 140 20.72 -28.25 1.00
N PHE A 141 21.37 -28.85 1.98
CA PHE A 141 22.61 -28.28 2.51
C PHE A 141 23.61 -28.11 1.37
N GLU A 142 23.75 -29.13 0.53
CA GLU A 142 24.68 -29.03 -0.59
C GLU A 142 24.27 -27.97 -1.59
N TYR A 143 22.98 -27.95 -1.93
CA TYR A 143 22.47 -26.95 -2.86
C TYR A 143 22.63 -25.55 -2.27
N MET A 144 22.37 -25.41 -0.98
CA MET A 144 22.51 -24.10 -0.35
C MET A 144 23.97 -23.65 -0.34
N LYS A 145 24.88 -24.58 -0.12
CA LYS A 145 26.30 -24.23 -0.18
C LYS A 145 26.71 -23.87 -1.60
N LYS A 146 26.20 -24.56 -2.61
CA LYS A 146 26.52 -24.28 -3.99
C LYS A 146 26.07 -22.89 -4.42
N ALA A 147 25.07 -22.33 -3.77
CA ALA A 147 24.56 -21.03 -4.17
C ALA A 147 25.44 -19.89 -3.65
N GLU A 148 26.27 -20.17 -2.66
CA GLU A 148 26.95 -19.07 -2.00
C GLU A 148 28.47 -19.09 -2.02
N ALA A 149 28.99 -17.90 -1.83
CA ALA A 149 30.46 -17.69 -1.79
C ALA A 149 30.67 -16.87 -0.51
N ALA A 150 30.99 -17.56 0.55
CA ALA A 150 31.15 -16.92 1.84
C ALA A 150 32.57 -16.40 2.05
N ARG A 151 32.64 -15.33 2.79
CA ARG A 151 33.87 -14.68 3.24
C ARG A 151 33.99 -14.95 4.73
N THR A 152 35.18 -15.24 5.24
CA THR A 152 35.30 -15.46 6.68
C THR A 152 35.34 -14.07 7.33
N PRO A 153 34.82 -13.97 8.53
CA PRO A 153 34.79 -12.71 9.25
C PRO A 153 36.20 -12.24 9.59
N THR A 154 36.36 -10.94 9.71
CA THR A 154 37.65 -10.36 10.06
C THR A 154 37.83 -10.52 11.56
N ALA A 155 39.02 -10.15 12.08
CA ALA A 155 39.24 -10.25 13.52
C ALA A 155 38.24 -9.42 14.32
N ALA A 156 37.98 -8.20 13.85
CA ALA A 156 37.09 -7.29 14.56
C ALA A 156 35.67 -7.84 14.55
N GLN A 157 35.30 -8.41 13.40
CA GLN A 157 33.97 -9.03 13.27
C GLN A 157 33.86 -10.21 14.22
N LEU A 158 34.89 -11.05 14.28
CA LEU A 158 34.89 -12.17 15.22
C LEU A 158 34.83 -11.68 16.65
N ALA A 159 35.62 -10.63 16.99
CA ALA A 159 35.61 -10.10 18.34
C ALA A 159 34.25 -9.50 18.70
N ALA A 160 33.55 -8.95 17.71
CA ALA A 160 32.23 -8.40 17.94
C ALA A 160 31.21 -9.48 18.28
N GLY A 161 31.43 -10.71 17.82
CA GLY A 161 30.47 -11.75 18.15
C GLY A 161 30.34 -12.75 17.02
N HIS A 162 30.94 -12.47 15.86
CA HIS A 162 30.82 -13.44 14.78
C HIS A 162 31.52 -14.75 15.13
N SER A 163 31.00 -15.82 14.52
CA SER A 163 31.60 -17.13 14.76
C SER A 163 31.24 -17.94 13.51
N PHE A 164 32.23 -18.66 13.00
CA PHE A 164 32.06 -19.33 11.73
C PHE A 164 32.44 -20.80 11.85
N ASN A 165 31.55 -21.64 11.35
CA ASN A 165 31.86 -23.09 11.27
C ASN A 165 32.14 -23.22 9.79
N ALA A 166 33.41 -23.28 9.39
CA ALA A 166 33.75 -23.21 7.98
C ALA A 166 33.16 -24.31 7.13
N THR A 167 32.79 -25.46 7.71
CA THR A 167 32.25 -26.57 6.98
C THR A 167 30.85 -26.27 6.42
N CYS A 168 30.19 -25.26 6.95
CA CYS A 168 28.84 -24.96 6.48
C CYS A 168 28.75 -23.94 5.37
N HIS A 169 29.87 -23.32 5.06
CA HIS A 169 29.80 -22.22 4.09
C HIS A 169 30.35 -22.63 2.74
N GLY A 170 29.58 -22.35 1.70
CA GLY A 170 30.04 -22.59 0.34
C GLY A 170 31.01 -21.45 0.05
N THR A 171 32.03 -21.71 -0.79
CA THR A 171 32.98 -20.65 -1.10
C THR A 171 33.10 -20.41 -2.58
N ASN A 172 32.38 -21.15 -3.40
CA ASN A 172 32.50 -21.05 -4.85
C ASN A 172 31.22 -20.63 -5.54
N GLY A 173 30.17 -20.37 -4.78
CA GLY A 173 28.87 -20.08 -5.36
C GLY A 173 28.70 -18.70 -5.92
N THR A 174 27.46 -18.39 -6.23
CA THR A 174 27.06 -17.17 -6.90
C THR A 174 26.74 -16.03 -5.98
N VAL A 175 26.01 -16.31 -4.90
CA VAL A 175 25.63 -15.25 -3.98
C VAL A 175 26.69 -15.10 -2.90
N GLN A 176 27.34 -13.93 -2.90
CA GLN A 176 28.36 -13.72 -1.89
C GLN A 176 27.70 -13.54 -0.54
N SER A 177 28.40 -14.03 0.48
CA SER A 177 27.91 -13.84 1.83
C SER A 177 29.10 -13.45 2.70
N GLY A 178 28.81 -12.69 3.72
CA GLY A 178 29.90 -12.22 4.60
C GLY A 178 29.23 -11.37 5.66
N ALA A 179 30.03 -10.96 6.63
CA ALA A 179 29.55 -10.14 7.71
C ALA A 179 29.26 -8.74 7.19
N ARG A 180 28.11 -8.23 7.63
CA ARG A 180 27.80 -6.83 7.35
C ARG A 180 28.82 -6.06 8.22
N ASP A 181 29.38 -5.00 7.66
CA ASP A 181 30.31 -4.18 8.41
C ASP A 181 30.17 -2.78 7.81
N ASN A 182 29.46 -1.91 8.51
CA ASN A 182 29.20 -0.59 7.93
C ASN A 182 30.30 0.41 8.29
N GLY A 183 31.43 -0.05 8.80
CA GLY A 183 32.56 0.80 9.13
C GLY A 183 32.53 1.40 10.51
N GLN A 184 31.42 1.29 11.23
CA GLN A 184 31.33 1.85 12.56
C GLN A 184 31.95 0.90 13.56
N PRO A 185 32.33 1.46 14.71
CA PRO A 185 32.80 0.65 15.82
C PRO A 185 31.71 -0.40 16.12
N TRP A 186 32.13 -1.57 16.55
CA TRP A 186 31.17 -2.62 16.89
C TRP A 186 30.53 -2.38 18.23
N SER A 187 29.19 -2.47 18.25
CA SER A 187 28.49 -2.31 19.53
C SER A 187 28.90 -3.51 20.37
N PRO A 188 29.02 -3.33 21.67
CA PRO A 188 29.32 -4.42 22.60
C PRO A 188 28.07 -5.17 23.00
N ILE A 189 26.89 -4.69 22.57
CA ILE A 189 25.64 -5.32 22.94
C ILE A 189 25.47 -6.72 22.38
N MET A 190 26.01 -7.05 21.20
CA MET A 190 25.85 -8.43 20.70
C MET A 190 26.51 -9.40 21.69
N LYS A 191 27.73 -9.06 22.10
CA LYS A 191 28.42 -9.88 23.08
C LYS A 191 27.69 -9.85 24.42
N ALA A 192 27.18 -8.70 24.85
CA ALA A 192 26.45 -8.65 26.13
C ALA A 192 25.23 -9.58 26.07
N LEU A 193 24.54 -9.59 24.93
CA LEU A 193 23.37 -10.47 24.80
C LEU A 193 23.80 -11.92 24.89
N MET A 194 24.89 -12.27 24.20
CA MET A 194 25.40 -13.63 24.25
C MET A 194 25.77 -13.98 25.69
N ASN A 195 26.48 -13.08 26.36
CA ASN A 195 26.86 -13.36 27.75
C ASN A 195 25.62 -13.49 28.61
N THR A 196 24.58 -12.71 28.36
CA THR A 196 23.35 -12.81 29.13
C THR A 196 22.67 -14.16 28.97
N VAL A 197 22.43 -14.58 27.73
CA VAL A 197 21.75 -15.84 27.50
C VAL A 197 22.64 -17.04 27.82
N SER A 198 23.94 -16.91 27.62
CA SER A 198 24.84 -18.03 27.93
C SER A 198 24.79 -18.30 29.42
N ALA A 199 24.64 -17.26 30.26
CA ALA A 199 24.45 -17.46 31.69
C ALA A 199 23.21 -18.30 31.98
N LEU A 200 22.19 -18.21 31.12
CA LEU A 200 20.95 -18.94 31.24
C LEU A 200 21.01 -20.32 30.61
N GLY A 201 22.14 -20.68 29.99
CA GLY A 201 22.32 -21.99 29.41
C GLY A 201 21.91 -22.01 27.94
N VAL A 202 21.71 -20.83 27.37
CA VAL A 202 21.34 -20.74 25.96
C VAL A 202 22.61 -20.76 25.13
N PRO A 203 22.62 -21.56 24.08
CA PRO A 203 23.75 -21.65 23.18
C PRO A 203 24.05 -20.28 22.59
N VAL A 204 25.33 -20.02 22.35
CA VAL A 204 25.76 -18.79 21.72
C VAL A 204 26.80 -19.13 20.67
N GLN A 205 26.85 -18.29 19.64
CA GLN A 205 27.77 -18.35 18.55
C GLN A 205 27.72 -19.63 17.74
N GLN A 206 26.55 -20.25 17.70
CA GLN A 206 26.33 -21.40 16.84
C GLN A 206 26.28 -20.77 15.45
N ASP A 207 26.79 -21.49 14.46
CA ASP A 207 26.77 -20.94 13.11
C ASP A 207 25.39 -21.28 12.57
N PHE A 208 24.58 -20.24 12.31
CA PHE A 208 23.23 -20.52 11.80
C PHE A 208 23.17 -21.04 10.39
N LEU A 209 24.25 -21.35 9.71
CA LEU A 209 24.23 -21.96 8.40
C LEU A 209 24.42 -23.48 8.54
N CYS A 210 24.60 -23.95 9.77
CA CYS A 210 24.98 -25.34 9.97
C CYS A 210 23.87 -26.32 10.28
N GLY A 211 22.62 -25.91 10.30
CA GLY A 211 21.60 -26.96 10.46
C GLY A 211 20.89 -26.98 11.77
N HIS A 212 21.32 -26.22 12.77
CA HIS A 212 20.58 -26.23 14.03
C HIS A 212 20.65 -24.85 14.64
N PRO A 213 20.00 -23.90 13.98
CA PRO A 213 20.05 -22.50 14.37
C PRO A 213 19.45 -22.35 15.73
N ARG A 214 20.28 -22.10 16.72
CA ARG A 214 19.83 -22.00 18.10
C ARG A 214 20.68 -20.96 18.84
N GLY A 215 20.06 -20.24 19.74
CA GLY A 215 20.82 -19.33 20.59
C GLY A 215 21.12 -18.01 19.90
N VAL A 216 22.08 -17.30 20.49
CA VAL A 216 22.39 -15.96 20.04
C VAL A 216 23.71 -15.95 19.26
N SER A 217 23.60 -15.52 18.02
CA SER A 217 24.76 -15.40 17.17
C SER A 217 24.61 -14.15 16.31
N MET A 218 25.76 -13.80 15.76
CA MET A 218 25.78 -12.77 14.72
C MET A 218 25.64 -13.60 13.45
N ILE A 219 25.17 -12.98 12.39
CA ILE A 219 24.88 -13.73 11.18
C ILE A 219 25.59 -13.16 9.97
N MET A 220 25.64 -13.96 8.94
CA MET A 220 26.14 -13.57 7.65
C MET A 220 25.03 -12.75 6.98
N ASN A 221 25.44 -12.00 5.96
CA ASN A 221 24.48 -11.26 5.15
C ASN A 221 24.84 -11.60 3.71
N ASN A 222 23.99 -11.42 2.74
CA ASN A 222 24.31 -11.65 1.35
C ASN A 222 24.86 -10.32 0.77
N LEU A 223 26.11 -10.07 1.14
CA LEU A 223 26.80 -8.85 0.75
C LEU A 223 28.13 -9.22 0.11
N ASP A 224 28.47 -8.50 -0.95
CA ASP A 224 29.77 -8.77 -1.57
C ASP A 224 30.83 -8.06 -0.72
N GLU A 225 32.06 -8.06 -1.23
CA GLU A 225 33.20 -7.49 -0.50
C GLU A 225 33.14 -5.97 -0.41
N ASN A 226 32.28 -5.37 -1.22
CA ASN A 226 32.02 -3.94 -1.20
C ASN A 226 30.84 -3.61 -0.31
N GLN A 227 30.32 -4.60 0.42
CA GLN A 227 29.20 -4.43 1.32
C GLN A 227 27.93 -4.05 0.53
N VAL A 228 27.86 -4.56 -0.67
CA VAL A 228 26.73 -4.28 -1.54
C VAL A 228 25.76 -5.47 -1.45
N ARG A 229 24.50 -5.08 -1.34
CA ARG A 229 23.46 -6.11 -1.28
C ARG A 229 23.58 -6.99 -2.51
N VAL A 230 23.70 -8.29 -2.30
CA VAL A 230 23.75 -9.17 -3.47
C VAL A 230 22.32 -9.65 -3.71
N ASP A 231 21.55 -8.79 -4.37
CA ASP A 231 20.18 -9.21 -4.66
C ASP A 231 20.27 -10.24 -5.77
N ALA A 232 19.17 -10.94 -6.06
CA ALA A 232 19.20 -12.01 -7.03
C ALA A 232 19.49 -11.54 -8.44
N ALA A 233 19.16 -10.29 -8.77
CA ALA A 233 19.46 -9.83 -10.13
C ALA A 233 20.99 -9.63 -10.22
N ARG A 234 21.55 -9.03 -9.17
CA ARG A 234 22.99 -8.80 -9.16
C ARG A 234 23.73 -10.12 -9.27
N ALA A 235 23.26 -11.12 -8.54
CA ALA A 235 23.90 -12.43 -8.50
C ALA A 235 23.66 -13.24 -9.77
N TRP A 236 22.41 -13.29 -10.24
CA TRP A 236 22.09 -14.18 -11.35
C TRP A 236 21.80 -13.51 -12.67
N LEU A 237 21.44 -12.22 -12.67
CA LEU A 237 21.09 -11.63 -13.96
C LEU A 237 22.22 -10.75 -14.50
N LEU A 238 22.85 -10.03 -13.58
CA LEU A 238 23.94 -9.12 -13.99
C LEU A 238 25.02 -9.80 -14.79
N PRO A 239 25.51 -10.96 -14.37
CA PRO A 239 26.54 -11.67 -15.10
C PRO A 239 26.06 -12.31 -16.39
N ASN A 240 24.75 -12.55 -16.50
CA ASN A 240 24.19 -13.34 -17.57
C ASN A 240 23.19 -12.67 -18.47
N TYR A 241 22.96 -11.37 -18.30
CA TYR A 241 21.89 -10.74 -19.08
C TYR A 241 22.19 -10.61 -20.55
N GLN A 242 23.44 -10.78 -20.98
CA GLN A 242 23.78 -10.74 -22.40
C GLN A 242 23.54 -12.07 -23.08
N ARG A 243 23.19 -13.11 -22.32
CA ARG A 243 22.88 -14.39 -22.95
C ARG A 243 21.78 -14.16 -23.96
N SER A 244 21.99 -14.64 -25.19
CA SER A 244 21.00 -14.43 -26.23
C SER A 244 19.76 -15.27 -26.01
N ASN A 245 19.84 -16.30 -25.18
CA ASN A 245 18.69 -17.18 -24.94
C ASN A 245 17.92 -16.79 -23.68
N LEU A 246 18.33 -15.69 -23.05
CA LEU A 246 17.67 -15.26 -21.84
C LEU A 246 16.97 -13.93 -22.17
N GLU A 247 15.65 -13.93 -22.21
CA GLU A 247 14.97 -12.67 -22.54
C GLU A 247 14.19 -12.24 -21.29
N ILE A 248 14.38 -10.97 -20.92
CA ILE A 248 13.69 -10.50 -19.74
C ILE A 248 12.74 -9.39 -20.17
N LEU A 249 11.46 -9.62 -19.91
CA LEU A 249 10.47 -8.60 -20.20
C LEU A 249 10.12 -7.97 -18.85
N THR A 250 10.38 -6.67 -18.76
CA THR A 250 10.15 -5.97 -17.52
C THR A 250 8.89 -5.11 -17.64
N GLY A 251 8.34 -4.74 -16.49
CA GLY A 251 7.21 -3.82 -16.46
C GLY A 251 5.90 -4.47 -16.83
N GLN A 252 5.86 -5.81 -16.88
CA GLN A 252 4.67 -6.51 -17.34
C GLN A 252 4.32 -7.59 -16.32
N MET A 253 3.02 -7.89 -16.25
CA MET A 253 2.63 -8.89 -15.28
C MET A 253 2.04 -10.11 -15.99
N VAL A 254 2.37 -11.26 -15.46
CA VAL A 254 1.73 -12.47 -15.99
C VAL A 254 0.40 -12.47 -15.24
N GLY A 255 -0.69 -12.66 -15.98
CA GLY A 255 -2.00 -12.62 -15.34
C GLY A 255 -2.54 -14.06 -15.24
N LYS A 256 -2.29 -14.82 -16.30
CA LYS A 256 -2.81 -16.20 -16.21
C LYS A 256 -1.97 -17.11 -17.09
N VAL A 257 -2.14 -18.38 -16.77
CA VAL A 257 -1.44 -19.40 -17.56
C VAL A 257 -2.43 -19.86 -18.63
N LEU A 258 -1.95 -20.05 -19.84
CA LEU A 258 -2.79 -20.51 -20.93
C LEU A 258 -2.64 -22.03 -20.99
N PHE A 259 -3.75 -22.72 -21.08
CA PHE A 259 -3.67 -24.18 -21.13
C PHE A 259 -4.33 -24.74 -22.39
N LYS A 260 -3.82 -25.89 -22.76
CA LYS A 260 -4.43 -26.68 -23.83
C LYS A 260 -4.86 -27.97 -23.12
N GLN A 261 -6.07 -28.41 -23.38
CA GLN A 261 -6.57 -29.63 -22.74
C GLN A 261 -5.95 -30.84 -23.40
N THR A 262 -5.45 -31.77 -22.59
CA THR A 262 -4.84 -32.99 -23.12
C THR A 262 -5.58 -34.17 -22.47
N ALA A 263 -5.15 -35.39 -22.78
CA ALA A 263 -5.77 -36.55 -22.15
C ALA A 263 -5.37 -36.62 -20.68
N SER A 264 -4.10 -36.30 -20.39
CA SER A 264 -3.59 -36.30 -19.03
C SER A 264 -3.74 -34.98 -18.30
N GLY A 265 -4.74 -34.18 -18.66
CA GLY A 265 -5.03 -32.92 -18.02
C GLY A 265 -4.59 -31.67 -18.78
N PRO A 266 -4.76 -30.52 -18.12
CA PRO A 266 -4.40 -29.25 -18.71
C PRO A 266 -2.89 -29.16 -18.91
N GLN A 267 -2.48 -28.72 -20.08
CA GLN A 267 -1.07 -28.55 -20.38
C GLN A 267 -0.80 -27.04 -20.49
N ALA A 268 0.11 -26.52 -19.69
CA ALA A 268 0.37 -25.07 -19.82
C ALA A 268 1.04 -24.85 -21.16
N VAL A 269 0.57 -23.93 -21.99
CA VAL A 269 1.18 -23.67 -23.28
C VAL A 269 1.77 -22.26 -23.36
N GLY A 270 1.45 -21.48 -22.33
CA GLY A 270 2.02 -20.12 -22.35
C GLY A 270 1.32 -19.31 -21.26
N VAL A 271 1.48 -17.98 -21.37
CA VAL A 271 0.87 -17.14 -20.35
C VAL A 271 0.28 -15.94 -21.09
N ASN A 272 -0.65 -15.33 -20.39
CA ASN A 272 -1.21 -14.06 -20.85
C ASN A 272 -0.53 -13.07 -19.88
N PHE A 273 0.01 -12.03 -20.47
CA PHE A 273 0.71 -11.06 -19.62
C PHE A 273 0.37 -9.67 -20.15
N GLY A 274 0.64 -8.71 -19.29
CA GLY A 274 0.37 -7.34 -19.76
C GLY A 274 0.14 -6.51 -18.52
N THR A 275 -0.67 -5.45 -18.72
CA THR A 275 -0.84 -4.54 -17.60
C THR A 275 -2.29 -4.20 -17.31
N ASN A 276 -3.18 -4.67 -18.18
CA ASN A 276 -4.59 -4.31 -17.98
C ASN A 276 -5.46 -5.34 -18.67
N LYS A 277 -6.72 -5.42 -18.29
CA LYS A 277 -7.62 -6.37 -18.96
C LYS A 277 -7.66 -6.13 -20.45
N ALA A 278 -7.45 -4.91 -20.95
CA ALA A 278 -7.48 -4.65 -22.37
C ALA A 278 -6.09 -4.41 -22.94
N VAL A 279 -5.05 -4.62 -22.11
CA VAL A 279 -3.69 -4.40 -22.61
C VAL A 279 -2.87 -5.62 -22.15
N ASN A 280 -3.01 -6.69 -22.92
CA ASN A 280 -2.33 -7.93 -22.52
C ASN A 280 -2.18 -8.72 -23.80
N PHE A 281 -1.23 -9.67 -23.69
CA PHE A 281 -0.72 -10.42 -24.80
C PHE A 281 -0.46 -11.87 -24.36
N ASP A 282 -0.38 -12.71 -25.38
CA ASP A 282 -0.06 -14.10 -25.09
C ASP A 282 1.37 -14.37 -25.57
N VAL A 283 2.02 -15.22 -24.80
CA VAL A 283 3.38 -15.64 -25.17
C VAL A 283 3.40 -17.12 -24.80
N PHE A 284 4.10 -17.91 -25.60
CA PHE A 284 3.97 -19.36 -25.47
C PHE A 284 5.24 -20.02 -25.03
N ALA A 285 5.05 -21.16 -24.36
CA ALA A 285 6.19 -21.93 -23.88
C ALA A 285 6.12 -23.30 -24.56
N LYS A 286 7.23 -23.71 -25.13
CA LYS A 286 7.30 -25.02 -25.79
C LYS A 286 7.40 -26.09 -24.72
N HIS A 287 8.07 -25.73 -23.63
CA HIS A 287 8.26 -26.69 -22.56
C HIS A 287 7.35 -26.41 -21.40
N GLU A 288 7.72 -25.41 -20.57
CA GLU A 288 6.99 -25.18 -19.35
C GLU A 288 6.84 -23.68 -19.00
N VAL A 289 5.83 -23.47 -18.19
CA VAL A 289 5.56 -22.15 -17.63
C VAL A 289 5.94 -22.35 -16.17
N LEU A 290 6.78 -21.45 -15.67
CA LEU A 290 7.22 -21.57 -14.29
C LEU A 290 6.73 -20.33 -13.53
N LEU A 291 5.96 -20.59 -12.49
CA LEU A 291 5.45 -19.45 -11.73
C LEU A 291 6.45 -19.13 -10.62
N ALA A 292 6.84 -17.85 -10.60
CA ALA A 292 7.83 -17.45 -9.58
C ALA A 292 7.53 -16.02 -9.17
N ALA A 293 6.22 -15.72 -9.12
CA ALA A 293 5.77 -14.34 -8.86
C ALA A 293 5.67 -14.05 -7.37
N GLY A 294 6.07 -15.01 -6.54
CA GLY A 294 6.05 -14.76 -5.09
C GLY A 294 4.87 -15.53 -4.51
N SER A 295 4.96 -15.85 -3.24
CA SER A 295 3.94 -16.60 -2.54
C SER A 295 2.62 -15.86 -2.44
N ALA A 296 2.65 -14.53 -2.58
CA ALA A 296 1.38 -13.80 -2.55
C ALA A 296 0.75 -13.82 -3.92
N ILE A 297 1.48 -14.09 -4.99
CA ILE A 297 0.96 -13.92 -6.33
C ILE A 297 0.84 -15.19 -7.15
N SER A 298 1.83 -16.08 -7.03
CA SER A 298 1.74 -17.34 -7.76
C SER A 298 0.43 -18.07 -7.55
N PRO A 299 -0.10 -18.21 -6.36
CA PRO A 299 -1.37 -18.87 -6.14
C PRO A 299 -2.47 -18.14 -6.87
N LEU A 300 -2.41 -16.80 -6.89
CA LEU A 300 -3.42 -16.03 -7.61
C LEU A 300 -3.38 -16.30 -9.08
N ILE A 301 -2.17 -16.37 -9.67
CA ILE A 301 -2.03 -16.66 -11.07
C ILE A 301 -2.69 -18.02 -11.34
N LEU A 302 -2.43 -18.98 -10.47
CA LEU A 302 -3.12 -20.28 -10.69
C LEU A 302 -4.62 -20.11 -10.66
N GLU A 303 -5.12 -19.41 -9.67
CA GLU A 303 -6.57 -19.21 -9.52
C GLU A 303 -7.15 -18.45 -10.69
N TYR A 304 -6.44 -17.39 -11.16
CA TYR A 304 -6.93 -16.67 -12.32
C TYR A 304 -6.99 -17.57 -13.55
N SER A 305 -6.16 -18.60 -13.58
CA SER A 305 -6.07 -19.56 -14.66
C SER A 305 -7.07 -20.71 -14.48
N GLY A 306 -7.87 -20.70 -13.43
CA GLY A 306 -8.87 -21.74 -13.23
C GLY A 306 -8.38 -22.90 -12.38
N ILE A 307 -7.22 -22.74 -11.74
CA ILE A 307 -6.74 -23.81 -10.86
C ILE A 307 -6.86 -23.36 -9.43
N GLY A 308 -7.74 -24.03 -8.68
CA GLY A 308 -7.94 -23.60 -7.30
C GLY A 308 -9.24 -24.21 -6.78
N LEU A 309 -9.55 -23.77 -5.58
CA LEU A 309 -10.73 -24.28 -4.89
C LEU A 309 -11.97 -23.78 -5.61
N LYS A 310 -12.91 -24.72 -5.76
CA LYS A 310 -14.14 -24.32 -6.44
C LYS A 310 -14.80 -23.13 -5.77
N SER A 311 -14.93 -23.12 -4.45
CA SER A 311 -15.63 -22.05 -3.77
C SER A 311 -14.99 -20.70 -4.07
N VAL A 312 -13.66 -20.67 -4.12
CA VAL A 312 -12.96 -19.44 -4.47
C VAL A 312 -13.19 -19.01 -5.90
N LEU A 313 -13.00 -19.93 -6.84
CA LEU A 313 -13.13 -19.64 -8.25
C LEU A 313 -14.57 -19.25 -8.60
N ASP A 314 -15.53 -19.93 -7.97
CA ASP A 314 -16.92 -19.55 -8.25
C ASP A 314 -17.14 -18.09 -7.83
N GLN A 315 -16.73 -17.74 -6.62
CA GLN A 315 -16.91 -16.39 -6.11
C GLN A 315 -16.22 -15.39 -7.02
N ALA A 316 -15.08 -15.75 -7.60
CA ALA A 316 -14.36 -14.84 -8.48
C ALA A 316 -14.83 -14.90 -9.92
N ASN A 317 -15.81 -15.75 -10.25
CA ASN A 317 -16.31 -15.84 -11.61
C ASN A 317 -15.28 -16.38 -12.55
N VAL A 318 -14.46 -17.31 -12.07
CA VAL A 318 -13.43 -17.95 -12.88
C VAL A 318 -13.86 -19.42 -13.07
N THR A 319 -13.87 -19.81 -14.31
CA THR A 319 -14.24 -21.21 -14.60
C THR A 319 -13.11 -22.11 -14.09
N GLN A 320 -13.52 -23.12 -13.35
CA GLN A 320 -12.52 -24.03 -12.80
C GLN A 320 -12.04 -25.04 -13.82
N LEU A 321 -10.73 -25.15 -13.90
CA LEU A 321 -10.07 -26.09 -14.78
C LEU A 321 -9.69 -27.31 -13.96
N LEU A 322 -9.21 -27.01 -12.76
CA LEU A 322 -8.70 -28.02 -11.86
C LEU A 322 -8.97 -27.61 -10.42
N ASP A 323 -9.45 -28.58 -9.64
CA ASP A 323 -9.67 -28.34 -8.23
C ASP A 323 -8.39 -28.76 -7.49
N LEU A 324 -7.74 -27.79 -6.90
CA LEU A 324 -6.50 -28.01 -6.14
C LEU A 324 -6.55 -27.01 -5.00
N PRO A 325 -5.98 -27.32 -3.85
CA PRO A 325 -5.99 -26.47 -2.69
C PRO A 325 -4.97 -25.34 -2.80
N VAL A 326 -5.11 -24.54 -3.84
CA VAL A 326 -4.24 -23.41 -4.10
C VAL A 326 -4.57 -22.28 -3.14
N GLY A 327 -3.54 -21.55 -2.66
CA GLY A 327 -3.83 -20.38 -1.88
C GLY A 327 -4.28 -20.64 -0.48
N ILE A 328 -4.10 -21.85 0.05
CA ILE A 328 -4.42 -22.10 1.45
C ILE A 328 -3.14 -22.71 2.03
N ASN A 329 -3.12 -22.90 3.32
CA ASN A 329 -1.96 -23.41 4.04
C ASN A 329 -0.91 -22.32 4.23
N MET A 330 -1.28 -21.10 3.89
CA MET A 330 -0.30 -20.03 3.84
C MET A 330 0.17 -19.74 5.25
N GLN A 331 1.50 -19.60 5.35
CA GLN A 331 2.05 -19.38 6.67
C GLN A 331 3.04 -18.22 6.65
N ASP A 332 2.63 -17.13 7.24
CA ASP A 332 3.55 -16.00 7.43
C ASP A 332 3.71 -15.95 8.94
N GLN A 333 4.66 -15.18 9.43
CA GLN A 333 4.90 -15.04 10.84
C GLN A 333 4.51 -13.61 11.26
N THR A 334 4.27 -13.48 12.54
CA THR A 334 3.88 -12.19 13.09
C THR A 334 5.13 -11.57 13.71
N THR A 335 5.30 -10.29 13.47
CA THR A 335 6.48 -9.65 14.03
C THR A 335 6.06 -8.54 14.97
N THR A 336 6.75 -8.49 16.10
CA THR A 336 6.50 -7.41 17.03
C THR A 336 7.90 -6.83 17.29
N THR A 337 7.87 -5.67 17.92
CA THR A 337 9.12 -4.97 18.16
C THR A 337 9.14 -4.53 19.60
N VAL A 338 10.29 -4.77 20.22
CA VAL A 338 10.52 -4.33 21.59
C VAL A 338 11.82 -3.51 21.42
N SER A 339 11.71 -2.22 21.67
CA SER A 339 12.86 -1.37 21.42
C SER A 339 13.22 -0.60 22.67
N SER A 340 14.53 -0.58 22.90
CA SER A 340 15.03 0.12 24.08
C SER A 340 16.20 0.97 23.60
N ARG A 341 16.37 2.03 24.37
CA ARG A 341 17.48 2.95 24.07
C ARG A 341 18.70 2.29 24.68
N ALA A 342 19.83 2.46 24.03
CA ALA A 342 21.06 1.89 24.59
C ALA A 342 21.89 3.05 25.15
N SER A 343 22.66 2.76 26.18
CA SER A 343 23.53 3.81 26.73
C SER A 343 24.55 4.16 25.67
N SER A 344 25.32 5.22 25.88
CA SER A 344 26.35 5.61 24.94
C SER A 344 27.41 4.54 24.77
N ALA A 345 27.74 3.80 25.82
CA ALA A 345 28.70 2.70 25.77
C ALA A 345 28.24 1.57 24.84
N GLY A 346 26.93 1.40 24.65
CA GLY A 346 26.40 0.36 23.79
C GLY A 346 26.36 0.78 22.33
N ALA A 347 26.76 2.01 22.03
CA ALA A 347 26.76 2.51 20.66
C ALA A 347 27.60 1.64 19.74
N GLY A 348 27.32 1.76 18.44
CA GLY A 348 28.07 1.01 17.45
C GLY A 348 27.09 0.21 16.58
N GLN A 349 27.67 -0.49 15.63
CA GLN A 349 26.89 -1.29 14.69
C GLN A 349 26.83 -2.73 15.18
N GLY A 350 25.92 -3.46 14.51
CA GLY A 350 25.86 -4.89 14.85
C GLY A 350 24.41 -5.33 15.01
N GLN A 351 24.21 -6.52 14.48
CA GLN A 351 22.93 -7.20 14.62
C GLN A 351 23.24 -8.55 15.26
N ALA A 352 22.29 -9.04 16.03
CA ALA A 352 22.49 -10.37 16.61
C ALA A 352 21.07 -10.99 16.53
N VAL A 353 21.10 -12.28 16.35
CA VAL A 353 19.83 -13.01 16.24
C VAL A 353 19.80 -14.04 17.36
N PHE A 354 18.67 -14.08 18.05
CA PHE A 354 18.46 -15.13 19.04
C PHE A 354 17.44 -16.08 18.41
N PHE A 355 17.87 -17.31 18.17
CA PHE A 355 16.93 -18.35 17.72
C PHE A 355 16.54 -19.10 19.00
N ALA A 356 15.44 -18.68 19.60
CA ALA A 356 14.99 -19.19 20.87
C ALA A 356 14.12 -20.44 20.67
N ASN A 357 14.43 -21.48 21.45
CA ASN A 357 13.62 -22.69 21.29
C ASN A 357 12.36 -22.50 22.12
N PHE A 358 11.58 -23.57 22.20
CA PHE A 358 10.29 -23.53 22.89
C PHE A 358 10.37 -23.09 24.33
N THR A 359 11.23 -23.76 25.11
CA THR A 359 11.35 -23.41 26.53
C THR A 359 11.97 -22.04 26.76
N GLU A 360 12.96 -21.68 25.95
CA GLU A 360 13.56 -20.35 26.10
C GLU A 360 12.53 -19.27 25.81
N THR A 361 11.67 -19.54 24.83
CA THR A 361 10.65 -18.55 24.49
C THR A 361 9.61 -18.47 25.58
N PHE A 362 9.02 -19.60 25.95
CA PHE A 362 7.95 -19.61 26.93
C PHE A 362 8.38 -19.45 28.38
N GLY A 363 9.62 -19.82 28.68
CA GLY A 363 10.12 -19.67 30.05
C GLY A 363 9.18 -20.36 31.03
N ASP A 364 8.69 -19.62 32.00
CA ASP A 364 7.78 -20.15 33.01
C ASP A 364 6.45 -20.62 32.47
N TYR A 365 6.04 -20.19 31.28
CA TYR A 365 4.78 -20.63 30.70
C TYR A 365 4.96 -21.86 29.84
N ALA A 366 6.19 -22.38 29.76
CA ALA A 366 6.50 -23.56 28.99
C ALA A 366 5.57 -24.72 29.26
N PRO A 367 5.38 -25.11 30.51
CA PRO A 367 4.50 -26.22 30.86
C PRO A 367 3.10 -26.03 30.31
N GLN A 368 2.55 -24.83 30.47
CA GLN A 368 1.24 -24.47 29.97
C GLN A 368 1.19 -24.52 28.44
N ALA A 369 2.23 -24.00 27.80
CA ALA A 369 2.33 -24.02 26.34
C ALA A 369 2.42 -25.46 25.84
N ARG A 370 3.23 -26.25 26.54
CA ARG A 370 3.39 -27.66 26.18
C ARG A 370 2.05 -28.39 26.30
N ASP A 371 1.29 -28.09 27.34
CA ASP A 371 -0.04 -28.69 27.49
C ASP A 371 -0.91 -28.37 26.28
N LEU A 372 -0.89 -27.11 25.85
CA LEU A 372 -1.68 -26.71 24.67
C LEU A 372 -1.29 -27.53 23.46
N LEU A 373 0.03 -27.64 23.20
CA LEU A 373 0.48 -28.41 22.05
C LEU A 373 0.09 -29.87 22.13
N ASN A 374 0.10 -30.42 23.34
CA ASN A 374 -0.22 -31.84 23.49
C ASN A 374 -1.70 -32.13 23.42
N THR A 375 -2.55 -31.15 23.69
CA THR A 375 -3.99 -31.39 23.73
C THR A 375 -4.84 -30.67 22.70
N LYS A 376 -4.39 -29.58 22.08
CA LYS A 376 -5.28 -28.83 21.19
C LYS A 376 -5.08 -29.01 19.70
N LEU A 377 -4.12 -29.81 19.25
CA LEU A 377 -3.86 -29.96 17.83
C LEU A 377 -5.10 -30.26 17.02
N ASP A 378 -5.88 -31.26 17.42
CA ASP A 378 -7.09 -31.61 16.68
C ASP A 378 -8.04 -30.41 16.65
N GLN A 379 -8.26 -29.76 17.78
CA GLN A 379 -9.17 -28.61 17.81
C GLN A 379 -8.66 -27.49 16.89
N TRP A 380 -7.36 -27.19 17.02
CA TRP A 380 -6.80 -26.14 16.17
C TRP A 380 -6.92 -26.47 14.70
N ALA A 381 -6.67 -27.74 14.37
CA ALA A 381 -6.75 -28.16 12.98
C ALA A 381 -8.17 -27.96 12.47
N GLU A 382 -9.14 -28.39 13.29
CA GLU A 382 -10.54 -28.21 12.84
C GLU A 382 -10.85 -26.73 12.66
N GLU A 383 -10.45 -25.92 13.63
CA GLU A 383 -10.70 -24.48 13.56
C GLU A 383 -9.99 -23.82 12.40
N THR A 384 -8.77 -24.28 12.09
CA THR A 384 -8.05 -23.69 10.97
C THR A 384 -8.74 -24.02 9.66
N VAL A 385 -9.20 -25.26 9.55
CA VAL A 385 -9.88 -25.65 8.32
C VAL A 385 -11.20 -24.90 8.23
N ALA A 386 -11.89 -24.80 9.35
CA ALA A 386 -13.19 -24.12 9.38
C ALA A 386 -13.08 -22.67 8.92
N ARG A 387 -11.99 -22.00 9.26
CA ARG A 387 -11.82 -20.61 8.85
C ARG A 387 -11.17 -20.45 7.49
N GLY A 388 -10.99 -21.54 6.76
CA GLY A 388 -10.52 -21.51 5.39
C GLY A 388 -9.01 -21.47 5.25
N GLY A 389 -8.29 -21.78 6.33
CA GLY A 389 -6.82 -21.77 6.24
C GLY A 389 -6.30 -23.04 5.58
N PHE A 390 -7.14 -24.09 5.59
CA PHE A 390 -6.76 -25.36 4.97
C PHE A 390 -8.05 -26.12 4.68
N HIS A 391 -7.93 -27.27 4.05
CA HIS A 391 -9.17 -27.94 3.64
C HIS A 391 -9.32 -29.35 4.17
N ASN A 392 -8.24 -29.88 4.73
CA ASN A 392 -8.31 -31.26 5.22
C ASN A 392 -7.73 -31.29 6.62
N VAL A 393 -8.57 -31.49 7.62
CA VAL A 393 -8.14 -31.50 9.01
C VAL A 393 -7.09 -32.57 9.29
N THR A 394 -7.28 -33.76 8.76
CA THR A 394 -6.33 -34.85 8.98
C THR A 394 -4.95 -34.50 8.42
N ALA A 395 -4.91 -33.96 7.23
CA ALA A 395 -3.64 -33.56 6.62
C ALA A 395 -3.03 -32.41 7.42
N LEU A 396 -3.86 -31.47 7.88
CA LEU A 396 -3.33 -30.36 8.65
C LEU A 396 -2.77 -30.85 9.98
N LYS A 397 -3.43 -31.85 10.57
CA LYS A 397 -2.93 -32.40 11.84
C LYS A 397 -1.53 -32.94 11.65
N VAL A 398 -1.19 -33.47 10.49
CA VAL A 398 0.13 -33.98 10.17
C VAL A 398 1.13 -32.82 10.27
N GLN A 399 0.75 -31.68 9.70
CA GLN A 399 1.64 -30.51 9.81
C GLN A 399 1.80 -30.11 11.25
N TYR A 400 0.70 -30.12 12.01
CA TYR A 400 0.73 -29.72 13.39
C TYR A 400 1.60 -30.64 14.23
N GLU A 401 1.45 -31.95 13.97
CA GLU A 401 2.27 -32.91 14.70
C GLU A 401 3.74 -32.72 14.35
N ASN A 402 3.99 -32.45 13.07
CA ASN A 402 5.37 -32.21 12.63
C ASN A 402 5.93 -31.03 13.40
N TYR A 403 5.20 -29.91 13.41
CA TYR A 403 5.61 -28.74 14.18
C TYR A 403 5.77 -29.01 15.66
N ARG A 404 4.81 -29.74 16.26
CA ARG A 404 4.93 -30.07 17.66
C ARG A 404 6.23 -30.83 17.90
N ASN A 405 6.52 -31.79 17.03
CA ASN A 405 7.72 -32.60 17.11
C ASN A 405 8.97 -31.72 17.09
N TRP A 406 8.98 -30.77 16.15
CA TRP A 406 10.11 -29.85 16.08
C TRP A 406 10.34 -29.12 17.39
N LEU A 407 9.26 -28.53 17.89
CA LEU A 407 9.33 -27.72 19.09
C LEU A 407 9.70 -28.48 20.34
N LEU A 408 8.99 -29.59 20.56
CA LEU A 408 9.14 -30.32 21.80
C LEU A 408 10.21 -31.40 21.75
N ASP A 409 10.43 -32.03 20.60
CA ASP A 409 11.39 -33.11 20.57
C ASP A 409 12.69 -32.79 19.88
N GLU A 410 12.68 -31.80 19.00
CA GLU A 410 13.89 -31.58 18.20
C GLU A 410 14.63 -30.31 18.55
N ASP A 411 14.22 -29.61 19.58
CA ASP A 411 14.92 -28.40 20.03
C ASP A 411 14.99 -27.38 18.90
N VAL A 412 13.91 -27.30 18.10
CA VAL A 412 13.97 -26.37 16.95
C VAL A 412 13.63 -24.99 17.49
N ALA A 413 14.30 -24.01 16.88
CA ALA A 413 14.07 -22.62 17.29
C ALA A 413 12.59 -22.27 16.99
N PHE A 414 11.93 -21.77 17.98
CA PHE A 414 10.52 -21.42 17.91
C PHE A 414 10.32 -19.94 17.61
N ALA A 415 11.20 -19.10 18.20
CA ALA A 415 11.05 -17.67 17.96
C ALA A 415 12.41 -17.10 17.55
N GLU A 416 12.32 -16.06 16.72
CA GLU A 416 13.56 -15.39 16.35
C GLU A 416 13.49 -13.99 16.94
N LEU A 417 14.50 -13.62 17.71
CA LEU A 417 14.57 -12.27 18.26
C LEU A 417 15.75 -11.64 17.49
N PHE A 418 15.41 -10.70 16.64
CA PHE A 418 16.40 -10.12 15.75
C PHE A 418 16.79 -8.78 16.38
N MET A 419 18.06 -8.71 16.79
CA MET A 419 18.47 -7.50 17.48
C MET A 419 19.29 -6.58 16.61
N ASP A 420 18.85 -5.31 16.57
CA ASP A 420 19.62 -4.30 15.88
C ASP A 420 20.14 -3.41 17.02
N THR A 421 21.29 -2.80 16.78
CA THR A 421 21.86 -1.94 17.82
C THR A 421 21.85 -0.53 17.25
N GLU A 422 23.00 -0.03 16.81
CA GLU A 422 23.06 1.32 16.26
C GLU A 422 22.46 2.34 17.21
N GLY A 423 22.78 2.28 18.49
CA GLY A 423 22.32 3.25 19.46
C GLY A 423 21.14 2.77 20.27
N LYS A 424 20.57 1.64 19.84
CA LYS A 424 19.43 1.05 20.48
C LYS A 424 19.68 -0.42 20.79
N ILE A 425 18.70 -0.96 21.49
CA ILE A 425 18.60 -2.38 21.76
C ILE A 425 17.20 -2.65 21.15
N ASN A 426 17.24 -2.87 19.84
CA ASN A 426 16.01 -3.01 19.10
C ASN A 426 15.80 -4.47 18.71
N PHE A 427 14.68 -4.99 19.17
CA PHE A 427 14.32 -6.35 18.83
C PHE A 427 13.09 -6.39 17.93
N ASP A 428 13.30 -6.90 16.74
CA ASP A 428 12.20 -7.26 15.86
C ASP A 428 12.13 -8.79 16.10
N LEU A 429 10.95 -9.27 16.47
CA LEU A 429 10.90 -10.69 16.83
C LEU A 429 9.61 -11.32 16.30
N TRP A 430 9.76 -12.61 16.01
CA TRP A 430 8.60 -13.30 15.47
C TRP A 430 8.66 -14.77 15.87
N ASP A 431 7.46 -15.26 16.15
CA ASP A 431 7.26 -16.69 16.33
C ASP A 431 7.43 -17.24 14.92
N LEU A 432 8.40 -18.13 14.78
CA LEU A 432 8.74 -18.71 13.49
C LEU A 432 7.82 -19.78 12.98
N ILE A 433 7.13 -20.45 13.88
CA ILE A 433 6.39 -21.68 13.57
C ILE A 433 4.92 -21.52 13.91
N PRO A 434 4.19 -20.95 12.98
CA PRO A 434 2.79 -20.63 13.19
C PRO A 434 1.93 -21.87 13.04
N PHE A 435 0.86 -21.88 13.82
CA PHE A 435 -0.11 -22.95 13.72
C PHE A 435 -1.27 -22.42 12.87
N THR A 436 -1.42 -21.10 12.85
CA THR A 436 -2.43 -20.55 11.96
C THR A 436 -2.05 -20.92 10.53
N ARG A 437 -3.05 -20.96 9.66
CA ARG A 437 -2.88 -21.17 8.25
C ARG A 437 -3.77 -20.09 7.61
N GLY A 438 -3.16 -19.40 6.68
CA GLY A 438 -3.90 -18.29 6.05
C GLY A 438 -4.24 -18.70 4.63
N SER A 439 -4.81 -17.71 3.93
CA SER A 439 -5.22 -17.99 2.57
C SER A 439 -4.93 -16.76 1.74
N VAL A 440 -4.83 -16.97 0.46
CA VAL A 440 -4.58 -15.87 -0.46
C VAL A 440 -5.33 -16.25 -1.72
N HIS A 441 -6.41 -15.51 -1.98
CA HIS A 441 -7.25 -15.89 -3.10
C HIS A 441 -7.70 -14.68 -3.92
N ILE A 442 -7.96 -14.97 -5.18
CA ILE A 442 -8.47 -13.95 -6.09
C ILE A 442 -9.91 -13.66 -5.67
N LEU A 443 -10.38 -12.49 -6.02
CA LEU A 443 -11.77 -12.17 -5.65
C LEU A 443 -12.58 -11.89 -6.90
N SER A 444 -11.91 -11.78 -8.02
CA SER A 444 -12.59 -11.52 -9.28
C SER A 444 -11.75 -12.10 -10.38
N SER A 445 -12.25 -12.10 -11.60
CA SER A 445 -11.61 -12.83 -12.67
C SER A 445 -10.59 -12.08 -13.48
N ASP A 446 -10.55 -10.76 -13.36
CA ASP A 446 -9.57 -10.03 -14.14
C ASP A 446 -8.24 -10.03 -13.36
N PRO A 447 -7.25 -10.72 -13.92
CA PRO A 447 -5.97 -10.81 -13.25
C PRO A 447 -5.33 -9.44 -13.06
N TYR A 448 -5.53 -8.57 -14.04
CA TYR A 448 -4.85 -7.27 -14.04
C TYR A 448 -5.42 -6.28 -13.06
N LEU A 449 -6.55 -6.60 -12.46
CA LEU A 449 -7.10 -5.81 -11.40
C LEU A 449 -6.40 -6.17 -10.11
N TRP A 450 -5.89 -7.41 -10.03
CA TRP A 450 -5.25 -7.93 -8.84
C TRP A 450 -6.08 -7.70 -7.59
N GLN A 451 -7.34 -8.13 -7.71
CA GLN A 451 -8.26 -8.05 -6.60
C GLN A 451 -8.17 -9.40 -5.88
N PHE A 452 -7.54 -9.36 -4.71
CA PHE A 452 -7.32 -10.59 -3.97
C PHE A 452 -7.57 -10.32 -2.49
N ALA A 453 -7.66 -11.42 -1.78
CA ALA A 453 -7.88 -11.43 -0.34
C ALA A 453 -6.65 -12.17 0.19
N ASN A 454 -5.70 -11.35 0.64
CA ASN A 454 -4.49 -11.98 1.20
C ASN A 454 -4.74 -11.93 2.70
N ASP A 455 -4.95 -13.15 3.23
CA ASP A 455 -5.30 -13.26 4.63
C ASP A 455 -4.41 -14.26 5.34
N PRO A 456 -3.37 -13.74 6.01
CA PRO A 456 -2.44 -14.59 6.75
C PRO A 456 -3.08 -15.17 7.99
N LYS A 457 -4.23 -14.66 8.41
CA LYS A 457 -4.96 -15.18 9.57
C LYS A 457 -4.08 -15.21 10.80
N PHE A 458 -3.35 -14.10 10.97
CA PHE A 458 -2.46 -13.98 12.11
C PHE A 458 -3.27 -14.00 13.40
N PHE A 459 -2.71 -14.75 14.34
CA PHE A 459 -3.28 -14.85 15.68
C PHE A 459 -4.70 -15.40 15.75
N LEU A 460 -5.16 -16.12 14.74
CA LEU A 460 -6.47 -16.77 14.83
C LEU A 460 -6.27 -18.13 15.51
N ASN A 461 -4.99 -18.50 15.64
CA ASN A 461 -4.61 -19.68 16.40
C ASN A 461 -4.04 -19.10 17.70
N GLU A 462 -4.57 -19.56 18.81
CA GLU A 462 -4.21 -19.08 20.13
C GLU A 462 -2.74 -19.32 20.46
N PHE A 463 -2.15 -20.41 19.98
CA PHE A 463 -0.75 -20.69 20.29
C PHE A 463 0.18 -19.65 19.66
N ASP A 464 -0.15 -19.24 18.45
CA ASP A 464 0.64 -18.21 17.77
C ASP A 464 0.67 -16.92 18.56
N LEU A 465 -0.48 -16.56 19.13
CA LEU A 465 -0.58 -15.33 19.89
C LEU A 465 0.24 -15.48 21.16
N LEU A 466 0.05 -16.61 21.83
CA LEU A 466 0.78 -16.90 23.05
C LEU A 466 2.29 -16.88 22.80
N GLY A 467 2.70 -17.47 21.71
CA GLY A 467 4.08 -17.61 21.28
C GLY A 467 4.67 -16.22 21.02
N GLN A 468 3.89 -15.39 20.33
CA GLN A 468 4.36 -14.03 20.04
C GLN A 468 4.42 -13.19 21.30
N ALA A 469 3.45 -13.38 22.19
CA ALA A 469 3.44 -12.63 23.46
C ALA A 469 4.65 -13.02 24.30
N ALA A 470 4.91 -14.31 24.40
CA ALA A 470 6.02 -14.84 25.17
C ALA A 470 7.37 -14.38 24.60
N ALA A 471 7.51 -14.43 23.27
CA ALA A 471 8.72 -13.97 22.62
C ALA A 471 8.94 -12.48 22.90
N SER A 472 7.86 -11.71 22.83
CA SER A 472 7.93 -10.27 23.06
C SER A 472 8.32 -9.99 24.50
N LYS A 473 7.74 -10.70 25.46
CA LYS A 473 8.12 -10.52 26.86
C LYS A 473 9.60 -10.88 27.03
N LEU A 474 9.99 -11.99 26.41
CA LEU A 474 11.38 -12.43 26.45
C LEU A 474 12.31 -11.31 25.95
N ALA A 475 11.97 -10.66 24.84
CA ALA A 475 12.79 -9.57 24.33
C ALA A 475 12.90 -8.46 25.37
N ARG A 476 11.78 -8.09 25.98
CA ARG A 476 11.85 -7.08 27.05
C ARG A 476 12.73 -7.57 28.20
N ASP A 477 12.46 -8.76 28.71
CA ASP A 477 13.21 -9.33 29.81
C ASP A 477 14.70 -9.40 29.53
N LEU A 478 15.09 -9.83 28.34
CA LEU A 478 16.50 -9.95 28.00
C LEU A 478 17.22 -8.61 27.99
N THR A 479 16.54 -7.58 27.53
CA THR A 479 17.06 -6.25 27.41
C THR A 479 17.63 -5.70 28.72
N SER A 480 16.97 -5.94 29.83
CA SER A 480 17.42 -5.39 31.12
C SER A 480 17.94 -6.48 32.04
N GLN A 481 18.46 -7.55 31.47
CA GLN A 481 18.95 -8.69 32.24
C GLN A 481 20.45 -8.89 32.11
N GLY A 482 21.06 -9.49 33.14
CA GLY A 482 22.48 -9.79 33.11
C GLY A 482 23.33 -8.69 32.51
N ALA A 483 24.22 -9.02 31.59
CA ALA A 483 25.11 -8.08 30.93
C ALA A 483 24.38 -7.04 30.09
N MET A 484 23.18 -7.37 29.60
CA MET A 484 22.41 -6.42 28.81
C MET A 484 22.07 -5.17 29.61
N LYS A 485 21.74 -5.33 30.87
CA LYS A 485 21.39 -4.27 31.77
C LYS A 485 22.32 -3.07 31.73
N GLU A 486 23.61 -3.28 31.64
CA GLU A 486 24.63 -2.27 31.53
C GLU A 486 24.37 -1.26 30.43
N TYR A 487 23.89 -1.77 29.29
CA TYR A 487 23.61 -0.97 28.12
C TYR A 487 22.17 -0.50 28.04
N PHE A 488 21.32 -0.94 28.94
CA PHE A 488 19.90 -0.59 28.90
C PHE A 488 19.68 0.85 29.33
N ALA A 489 19.09 1.67 28.47
CA ALA A 489 18.84 3.06 28.80
C ALA A 489 17.37 3.40 28.70
N GLY A 490 16.51 2.39 28.90
CA GLY A 490 15.08 2.67 28.91
C GLY A 490 14.37 2.21 27.66
N GLU A 491 13.23 1.56 27.93
CA GLU A 491 12.44 1.03 26.81
C GLU A 491 11.69 2.16 26.14
N THR A 492 11.58 2.08 24.82
CA THR A 492 10.84 3.12 24.10
C THR A 492 9.60 2.47 23.47
N LEU A 493 9.68 1.17 23.24
CA LEU A 493 8.56 0.43 22.61
C LEU A 493 8.57 -0.99 23.12
N PRO A 494 7.49 -1.42 23.75
CA PRO A 494 6.28 -0.67 23.94
C PRO A 494 6.42 0.57 24.82
N GLY A 495 7.41 0.58 25.70
CA GLY A 495 7.67 1.71 26.60
C GLY A 495 6.46 1.93 27.50
N TYR A 496 5.96 3.16 27.47
CA TYR A 496 4.79 3.51 28.29
C TYR A 496 3.52 2.83 27.80
N ASN A 497 3.48 2.32 26.58
CA ASN A 497 2.34 1.65 26.01
C ASN A 497 2.03 0.30 26.62
N LEU A 498 2.95 -0.27 27.38
CA LEU A 498 2.69 -1.54 28.06
C LEU A 498 3.43 -1.56 29.39
N VAL A 499 2.70 -1.76 30.48
CA VAL A 499 3.33 -1.76 31.80
C VAL A 499 4.57 -2.63 31.80
N GLN A 500 5.61 -2.21 32.52
CA GLN A 500 6.86 -2.94 32.57
C GLN A 500 6.74 -4.34 33.16
N ASN A 501 5.79 -4.57 34.04
CA ASN A 501 5.55 -5.87 34.65
C ASN A 501 4.48 -6.64 33.92
N ALA A 502 4.23 -6.31 32.66
CA ALA A 502 3.20 -6.93 31.85
C ALA A 502 3.25 -8.46 31.90
N THR A 503 2.08 -9.04 32.16
CA THR A 503 1.97 -10.49 32.16
C THR A 503 1.90 -10.95 30.70
N LEU A 504 1.84 -12.26 30.52
CA LEU A 504 1.72 -12.84 29.18
C LEU A 504 0.41 -12.41 28.54
N SER A 505 -0.64 -12.38 29.37
CA SER A 505 -1.96 -11.98 28.92
C SER A 505 -1.94 -10.53 28.46
N GLN A 506 -1.26 -9.65 29.21
CA GLN A 506 -1.20 -8.24 28.82
C GLN A 506 -0.39 -8.08 27.53
N TRP A 507 0.70 -8.85 27.44
CA TRP A 507 1.50 -8.87 26.22
C TRP A 507 0.66 -9.32 25.04
N SER A 508 -0.20 -10.34 25.23
CA SER A 508 -1.05 -10.82 24.15
C SER A 508 -1.91 -9.71 23.59
N ASP A 509 -2.55 -8.95 24.49
CA ASP A 509 -3.40 -7.83 24.08
C ASP A 509 -2.58 -6.81 23.32
N TYR A 510 -1.38 -6.55 23.84
CA TYR A 510 -0.48 -5.61 23.19
C TYR A 510 -0.12 -6.07 21.79
N VAL A 511 0.35 -7.30 21.70
CA VAL A 511 0.81 -7.92 20.47
C VAL A 511 -0.27 -7.96 19.41
N LEU A 512 -1.50 -8.25 19.83
CA LEU A 512 -2.64 -8.23 18.93
C LEU A 512 -2.78 -6.90 18.19
N GLN A 513 -2.59 -5.79 18.88
CA GLN A 513 -2.73 -4.47 18.31
C GLN A 513 -1.48 -3.97 17.61
N ASN A 514 -0.32 -4.46 18.04
CA ASN A 514 0.95 -3.95 17.55
C ASN A 514 1.84 -5.04 16.97
N PHE A 515 1.40 -5.61 15.87
CA PHE A 515 2.22 -6.61 15.21
C PHE A 515 2.20 -6.20 13.74
N ARG A 516 3.07 -6.80 12.96
CA ARG A 516 3.04 -6.61 11.52
C ARG A 516 3.34 -8.02 10.98
N PRO A 517 3.01 -8.22 9.72
CA PRO A 517 3.37 -9.46 9.05
C PRO A 517 4.90 -9.46 9.01
N ASN A 518 5.49 -10.66 8.98
CA ASN A 518 6.93 -10.79 8.86
C ASN A 518 7.31 -10.79 7.39
N TRP A 519 6.31 -10.91 6.51
CA TRP A 519 6.48 -10.88 5.07
C TRP A 519 7.30 -12.04 4.56
N HIS A 520 7.11 -13.21 5.20
CA HIS A 520 7.84 -14.42 4.85
C HIS A 520 6.81 -15.52 4.59
N ALA A 521 5.70 -15.10 3.96
CA ALA A 521 4.65 -16.08 3.70
C ALA A 521 5.20 -17.16 2.78
N VAL A 522 4.97 -18.41 3.25
CA VAL A 522 5.27 -19.55 2.42
C VAL A 522 4.00 -20.43 2.40
N SER A 523 4.10 -21.51 1.66
CA SER A 523 3.11 -22.57 1.66
C SER A 523 1.77 -22.18 1.06
N SER A 524 1.77 -21.29 0.09
CA SER A 524 0.49 -20.91 -0.53
C SER A 524 0.24 -21.84 -1.70
N CYS A 525 1.27 -22.57 -2.14
CA CYS A 525 1.16 -23.58 -3.19
C CYS A 525 2.08 -24.72 -2.74
N SER A 526 1.72 -25.25 -1.60
CA SER A 526 2.57 -26.17 -0.90
C SER A 526 3.06 -27.34 -1.71
N MET A 527 4.37 -27.53 -1.53
CA MET A 527 5.03 -28.68 -2.13
C MET A 527 4.92 -29.80 -1.10
N MET A 528 3.94 -30.66 -1.31
CA MET A 528 3.79 -31.82 -0.42
C MET A 528 2.94 -32.82 -1.21
N SER A 529 2.91 -34.04 -0.70
CA SER A 529 2.16 -35.06 -1.43
C SER A 529 0.74 -34.52 -1.63
N ARG A 530 0.17 -34.98 -2.72
CA ARG A 530 -1.21 -34.55 -3.04
C ARG A 530 -2.17 -34.85 -1.92
N GLU A 531 -2.03 -36.00 -1.28
CA GLU A 531 -2.87 -36.45 -0.20
C GLU A 531 -2.80 -35.57 1.02
N LEU A 532 -1.64 -34.94 1.22
CA LEU A 532 -1.48 -34.03 2.33
C LEU A 532 -1.97 -32.62 1.98
N GLY A 533 -2.42 -32.41 0.75
CA GLY A 533 -2.98 -31.09 0.43
C GLY A 533 -2.00 -30.31 -0.43
N GLY A 534 -1.03 -31.01 -1.01
CA GLY A 534 -0.03 -30.36 -1.85
C GLY A 534 -0.65 -29.76 -3.10
N VAL A 535 0.04 -28.74 -3.62
CA VAL A 535 -0.33 -28.10 -4.86
C VAL A 535 0.70 -28.46 -5.90
N VAL A 536 1.94 -28.68 -5.45
CA VAL A 536 3.01 -29.05 -6.37
C VAL A 536 3.73 -30.26 -5.76
N ASP A 537 4.33 -31.01 -6.64
CA ASP A 537 5.03 -32.23 -6.21
C ASP A 537 6.48 -31.91 -5.92
N ALA A 538 7.29 -32.95 -5.76
CA ALA A 538 8.68 -32.82 -5.41
C ALA A 538 9.53 -32.20 -6.50
N THR A 539 9.00 -32.08 -7.71
CA THR A 539 9.69 -31.42 -8.80
C THR A 539 9.00 -30.08 -9.09
N ALA A 540 8.15 -29.65 -8.17
CA ALA A 540 7.46 -28.37 -8.23
C ALA A 540 6.41 -28.31 -9.33
N LYS A 541 5.98 -29.46 -9.84
CA LYS A 541 4.96 -29.49 -10.87
C LYS A 541 3.59 -29.39 -10.23
N VAL A 542 2.73 -28.56 -10.82
CA VAL A 542 1.39 -28.45 -10.25
C VAL A 542 0.64 -29.76 -10.51
N TYR A 543 0.12 -30.33 -9.45
CA TYR A 543 -0.56 -31.62 -9.62
C TYR A 543 -1.67 -31.53 -10.67
N GLY A 544 -1.76 -32.56 -11.51
CA GLY A 544 -2.87 -32.60 -12.46
C GLY A 544 -2.65 -31.77 -13.70
N THR A 545 -1.49 -31.14 -13.82
CA THR A 545 -1.16 -30.31 -14.96
C THR A 545 0.15 -30.81 -15.56
N GLN A 546 0.37 -30.38 -16.78
CA GLN A 546 1.59 -30.64 -17.51
C GLN A 546 2.21 -29.29 -17.87
N GLY A 547 3.53 -29.21 -17.85
CA GLY A 547 4.22 -28.01 -18.28
C GLY A 547 4.03 -26.82 -17.36
N LEU A 548 3.69 -27.06 -16.10
CA LEU A 548 3.47 -25.98 -15.17
C LEU A 548 4.08 -26.28 -13.82
N ARG A 549 4.93 -25.34 -13.38
CA ARG A 549 5.55 -25.47 -12.07
C ARG A 549 5.41 -24.17 -11.29
N VAL A 550 5.45 -24.31 -9.99
CA VAL A 550 5.46 -23.11 -9.13
C VAL A 550 6.82 -23.29 -8.43
N ILE A 551 7.69 -22.30 -8.62
CA ILE A 551 9.06 -22.54 -8.14
C ILE A 551 9.50 -21.58 -7.07
N ASP A 552 8.57 -20.80 -6.54
CA ASP A 552 8.99 -19.75 -5.59
C ASP A 552 8.67 -20.05 -4.18
N GLY A 553 8.60 -19.00 -3.35
CA GLY A 553 8.31 -19.10 -1.94
C GLY A 553 6.94 -19.63 -1.61
N SER A 554 6.07 -19.82 -2.59
CA SER A 554 4.76 -20.40 -2.39
C SER A 554 4.90 -21.88 -2.02
N ILE A 555 6.00 -22.51 -2.46
CA ILE A 555 6.05 -23.96 -2.33
C ILE A 555 6.57 -24.61 -1.09
N PRO A 556 7.44 -24.03 -0.27
CA PRO A 556 7.87 -24.71 0.94
C PRO A 556 6.63 -25.07 1.74
N PRO A 557 6.53 -26.34 2.12
CA PRO A 557 5.39 -26.85 2.85
C PRO A 557 5.42 -26.48 4.30
N THR A 558 6.58 -25.97 4.81
CA THR A 558 6.64 -25.58 6.20
C THR A 558 7.36 -24.23 6.31
N GLN A 559 7.15 -23.64 7.48
CA GLN A 559 7.95 -22.46 7.81
C GLN A 559 9.31 -23.05 8.22
N VAL A 560 10.30 -22.18 8.30
CA VAL A 560 11.64 -22.63 8.68
C VAL A 560 12.13 -21.65 9.73
N SER A 561 13.00 -22.14 10.59
CA SER A 561 13.55 -21.30 11.66
C SER A 561 14.77 -20.63 11.07
N SER A 562 14.51 -19.72 10.15
CA SER A 562 15.58 -19.09 9.41
C SER A 562 15.05 -18.02 8.46
N HIS A 563 16.03 -17.28 7.98
CA HIS A 563 15.76 -16.34 6.88
C HIS A 563 15.77 -17.24 5.65
N VAL A 564 14.83 -17.07 4.75
CA VAL A 564 14.58 -18.03 3.67
C VAL A 564 15.39 -17.91 2.43
N MET A 565 16.19 -16.82 2.28
CA MET A 565 16.92 -16.69 1.03
C MET A 565 17.78 -17.93 0.73
N THR A 566 18.50 -18.35 1.75
CA THR A 566 19.40 -19.50 1.57
C THR A 566 18.65 -20.71 1.02
N ILE A 567 17.60 -21.04 1.74
CA ILE A 567 16.82 -22.24 1.35
C ILE A 567 16.11 -21.99 0.04
N PHE A 568 15.65 -20.75 -0.21
CA PHE A 568 15.01 -20.51 -1.51
C PHE A 568 16.01 -20.61 -2.64
N TYR A 569 17.24 -20.13 -2.43
CA TYR A 569 18.21 -20.30 -3.50
C TYR A 569 18.46 -21.80 -3.74
N GLY A 570 18.63 -22.52 -2.64
CA GLY A 570 18.87 -23.97 -2.72
C GLY A 570 17.71 -24.64 -3.45
N MET A 571 16.49 -24.29 -3.03
CA MET A 571 15.30 -24.84 -3.65
C MET A 571 15.25 -24.54 -5.13
N ALA A 572 15.53 -23.28 -5.51
CA ALA A 572 15.49 -22.90 -6.92
C ALA A 572 16.53 -23.69 -7.71
N LEU A 573 17.70 -23.91 -7.09
CA LEU A 573 18.73 -24.67 -7.80
C LEU A 573 18.24 -26.11 -7.99
N LYS A 574 17.65 -26.66 -6.94
CA LYS A 574 17.19 -28.05 -7.03
C LYS A 574 16.10 -28.16 -8.10
N VAL A 575 15.19 -27.19 -8.07
CA VAL A 575 14.09 -27.19 -9.05
C VAL A 575 14.64 -27.02 -10.44
N ALA A 576 15.66 -26.17 -10.63
CA ALA A 576 16.26 -26.00 -11.94
C ALA A 576 16.81 -27.33 -12.46
N ASP A 577 17.46 -28.07 -11.56
CA ASP A 577 17.97 -29.39 -11.92
C ASP A 577 16.81 -30.30 -12.34
N ALA A 578 15.70 -30.26 -11.60
CA ALA A 578 14.55 -31.08 -11.94
C ALA A 578 14.01 -30.68 -13.31
N ILE A 579 13.92 -29.37 -13.56
CA ILE A 579 13.45 -28.91 -14.85
C ILE A 579 14.36 -29.36 -15.98
N LEU A 580 15.67 -29.23 -15.76
CA LEU A 580 16.64 -29.61 -16.78
C LEU A 580 16.65 -31.11 -16.99
N ASP A 581 16.37 -31.88 -15.94
CA ASP A 581 16.25 -33.34 -16.07
C ASP A 581 15.11 -33.66 -17.05
N ASP A 582 13.98 -32.96 -16.90
CA ASP A 582 12.85 -33.17 -17.78
C ASP A 582 13.11 -32.68 -19.19
N TYR A 583 13.82 -31.57 -19.31
CA TYR A 583 14.20 -31.02 -20.59
C TYR A 583 14.99 -32.08 -21.37
N ALA A 584 15.96 -32.69 -20.69
CA ALA A 584 16.82 -33.72 -21.24
C ALA A 584 16.02 -34.93 -21.71
N LYS A 585 14.99 -35.33 -20.98
CA LYS A 585 14.14 -36.46 -21.30
C LYS A 585 13.21 -36.24 -22.49
N SER A 586 13.11 -35.03 -23.01
CA SER A 586 12.28 -34.71 -24.16
C SER A 586 13.12 -34.58 -25.42
N ALA A 587 14.30 -35.19 -25.40
CA ALA A 587 15.27 -35.21 -26.47
C ALA A 587 16.31 -34.09 -26.29
N TYR B 1 -28.64 -2.21 -9.02
CA TYR B 1 -27.52 -2.13 -9.99
C TYR B 1 -27.56 -3.32 -10.96
N LEU B 2 -27.33 -3.00 -12.22
CA LEU B 2 -27.28 -4.02 -13.26
C LEU B 2 -26.07 -3.74 -14.14
N PRO B 3 -25.19 -4.72 -14.25
CA PRO B 3 -24.01 -4.58 -15.09
C PRO B 3 -24.44 -4.45 -16.54
N ALA B 4 -24.55 -3.22 -17.02
CA ALA B 4 -24.98 -2.99 -18.39
C ALA B 4 -23.79 -3.11 -19.34
N GLN B 5 -23.99 -2.50 -20.50
CA GLN B 5 -22.99 -2.51 -21.55
C GLN B 5 -21.93 -1.44 -21.39
N GLN B 6 -20.69 -1.92 -21.46
CA GLN B 6 -19.59 -0.98 -21.33
C GLN B 6 -18.72 -1.06 -22.57
N ILE B 7 -18.52 0.12 -23.13
CA ILE B 7 -17.65 0.28 -24.29
C ILE B 7 -16.25 -0.03 -23.76
N ASP B 8 -15.50 -0.80 -24.53
CA ASP B 8 -14.10 -1.04 -24.17
C ASP B 8 -13.40 0.22 -24.70
N VAL B 9 -13.26 1.23 -23.85
CA VAL B 9 -12.61 2.45 -24.33
C VAL B 9 -11.10 2.22 -24.43
N GLN B 10 -10.60 1.46 -23.46
CA GLN B 10 -9.15 1.22 -23.43
C GLN B 10 -8.57 0.77 -24.73
N SER B 11 -9.20 -0.18 -25.43
CA SER B 11 -8.63 -0.67 -26.69
C SER B 11 -8.50 0.36 -27.78
N SER B 12 -9.10 1.53 -27.66
CA SER B 12 -8.98 2.60 -28.62
C SER B 12 -8.01 3.67 -28.15
N LEU B 13 -7.50 3.51 -26.93
CA LEU B 13 -6.54 4.48 -26.40
C LEU B 13 -5.12 3.98 -26.61
N LEU B 14 -4.14 4.82 -26.32
CA LEU B 14 -2.75 4.44 -26.49
C LEU B 14 -2.20 3.79 -25.23
N SER B 15 -1.37 2.76 -25.44
CA SER B 15 -0.71 2.12 -24.31
C SER B 15 0.75 1.91 -24.71
N ASP B 16 1.06 2.25 -25.95
CA ASP B 16 2.45 2.11 -26.41
C ASP B 16 3.10 3.47 -26.30
N PRO B 17 4.04 3.63 -25.40
CA PRO B 17 4.68 4.93 -25.17
C PRO B 17 5.48 5.41 -26.35
N SER B 18 5.96 4.48 -27.18
CA SER B 18 6.72 4.83 -28.38
C SER B 18 5.83 5.50 -29.41
N LYS B 19 4.51 5.39 -29.31
CA LYS B 19 3.60 6.09 -30.20
C LYS B 19 3.52 7.58 -29.87
N VAL B 20 4.00 8.02 -28.69
CA VAL B 20 3.90 9.43 -28.37
C VAL B 20 5.28 10.02 -28.12
N ALA B 21 6.23 9.16 -27.82
CA ALA B 21 7.59 9.61 -27.52
C ALA B 21 8.11 10.56 -28.59
N GLY B 22 8.63 11.72 -28.14
CA GLY B 22 9.23 12.71 -29.02
C GLY B 22 8.24 13.50 -29.86
N LYS B 23 6.95 13.26 -29.70
CA LYS B 23 5.95 14.00 -30.46
C LYS B 23 5.74 15.34 -29.76
N THR B 24 5.00 16.20 -30.44
CA THR B 24 4.73 17.52 -29.89
C THR B 24 3.21 17.71 -29.92
N TYR B 25 2.69 18.04 -28.75
CA TYR B 25 1.27 18.28 -28.61
C TYR B 25 1.16 19.76 -28.21
N ASP B 26 -0.07 20.27 -28.20
CA ASP B 26 -0.26 21.63 -27.72
C ASP B 26 -0.16 21.62 -26.21
N TYR B 27 -0.88 20.65 -25.61
CA TYR B 27 -0.92 20.52 -24.18
C TYR B 27 -0.66 19.05 -23.79
N ILE B 28 0.08 18.93 -22.70
CA ILE B 28 0.29 17.62 -22.13
C ILE B 28 -0.33 17.71 -20.73
N ILE B 29 -1.19 16.73 -20.43
CA ILE B 29 -1.82 16.70 -19.12
C ILE B 29 -1.29 15.45 -18.42
N ALA B 30 -0.68 15.71 -17.27
CA ALA B 30 -0.12 14.59 -16.52
C ALA B 30 -1.21 14.16 -15.56
N GLY B 31 -1.85 13.01 -15.78
CA GLY B 31 -2.88 12.58 -14.85
C GLY B 31 -4.23 12.71 -15.57
N GLY B 32 -4.88 11.56 -15.72
CA GLY B 32 -6.19 11.54 -16.38
C GLY B 32 -7.27 11.29 -15.33
N GLY B 33 -7.25 12.11 -14.29
CA GLY B 33 -8.18 12.02 -13.19
C GLY B 33 -9.34 13.00 -13.43
N LEU B 34 -9.91 13.42 -12.33
CA LEU B 34 -11.05 14.33 -12.41
C LEU B 34 -10.68 15.56 -13.20
N THR B 35 -9.66 16.26 -12.69
CA THR B 35 -9.36 17.55 -13.31
C THR B 35 -8.72 17.37 -14.66
N GLY B 36 -7.83 16.39 -14.78
CA GLY B 36 -7.11 16.14 -16.00
C GLY B 36 -8.07 15.88 -17.15
N LEU B 37 -9.03 14.98 -16.92
CA LEU B 37 -9.96 14.66 -18.01
C LEU B 37 -10.92 15.81 -18.30
N THR B 38 -11.30 16.52 -17.26
CA THR B 38 -12.24 17.63 -17.49
C THR B 38 -11.58 18.65 -18.40
N VAL B 39 -10.37 19.03 -18.00
CA VAL B 39 -9.62 19.99 -18.81
C VAL B 39 -9.33 19.45 -20.19
N ALA B 40 -8.95 18.16 -20.30
CA ALA B 40 -8.66 17.58 -21.60
C ALA B 40 -9.86 17.69 -22.54
N ALA B 41 -11.03 17.40 -21.98
CA ALA B 41 -12.26 17.44 -22.73
C ALA B 41 -12.53 18.86 -23.17
N LYS B 42 -12.40 19.81 -22.26
CA LYS B 42 -12.68 21.21 -22.63
C LYS B 42 -11.67 21.73 -23.64
N LEU B 43 -10.39 21.39 -23.47
CA LEU B 43 -9.40 21.87 -24.43
C LEU B 43 -9.63 21.29 -25.81
N THR B 44 -10.02 20.01 -25.89
CA THR B 44 -10.14 19.37 -27.18
C THR B 44 -11.45 19.63 -27.91
N GLU B 45 -12.29 20.49 -27.35
CA GLU B 45 -13.50 20.94 -28.02
C GLU B 45 -13.06 21.79 -29.21
N ASN B 46 -11.90 22.42 -29.08
CA ASN B 46 -11.25 23.15 -30.15
C ASN B 46 -10.44 22.11 -30.93
N PRO B 47 -10.77 21.87 -32.19
CA PRO B 47 -10.11 20.89 -33.02
C PRO B 47 -8.66 21.16 -33.36
N LYS B 48 -8.19 22.38 -33.20
CA LYS B 48 -6.81 22.74 -33.49
C LYS B 48 -5.91 22.47 -32.29
N ILE B 49 -6.50 22.16 -31.14
CA ILE B 49 -5.71 21.91 -29.94
C ILE B 49 -5.50 20.40 -29.78
N LYS B 50 -4.24 20.01 -29.83
CA LYS B 50 -3.90 18.59 -29.69
C LYS B 50 -3.46 18.38 -28.25
N VAL B 51 -4.16 17.52 -27.56
CA VAL B 51 -3.90 17.28 -26.16
C VAL B 51 -3.48 15.82 -25.93
N LEU B 52 -2.41 15.73 -25.14
CA LEU B 52 -1.97 14.40 -24.74
C LEU B 52 -2.26 14.29 -23.26
N VAL B 53 -2.98 13.25 -22.86
CA VAL B 53 -3.21 12.98 -21.45
C VAL B 53 -2.35 11.73 -21.18
N ILE B 54 -1.50 11.87 -20.17
CA ILE B 54 -0.68 10.72 -19.79
C ILE B 54 -1.24 10.31 -18.44
N GLU B 55 -1.74 9.07 -18.42
CA GLU B 55 -2.36 8.55 -17.22
C GLU B 55 -1.67 7.25 -16.80
N LYS B 56 -1.40 7.22 -15.51
CA LYS B 56 -0.67 6.10 -14.92
C LYS B 56 -1.43 4.79 -15.10
N GLY B 57 -2.74 4.90 -14.87
CA GLY B 57 -3.58 3.73 -15.01
C GLY B 57 -4.21 3.67 -16.39
N PHE B 58 -5.35 2.93 -16.37
CA PHE B 58 -6.03 2.58 -17.60
C PHE B 58 -7.51 2.92 -17.48
N TYR B 59 -8.22 2.53 -18.52
CA TYR B 59 -9.67 2.74 -18.48
C TYR B 59 -10.23 1.66 -17.57
N GLU B 60 -10.94 2.04 -16.53
CA GLU B 60 -11.50 1.12 -15.56
C GLU B 60 -13.00 1.30 -15.37
N SER B 61 -13.61 2.16 -16.17
CA SER B 61 -15.03 2.46 -15.95
C SER B 61 -15.94 1.30 -16.34
N ASN B 62 -15.40 0.37 -17.11
CA ASN B 62 -16.13 -0.79 -17.56
C ASN B 62 -15.73 -2.02 -16.75
N ASP B 63 -15.25 -1.83 -15.53
CA ASP B 63 -14.82 -2.94 -14.70
C ASP B 63 -15.98 -3.71 -14.07
N GLY B 64 -17.20 -3.23 -14.25
CA GLY B 64 -18.32 -3.92 -13.63
C GLY B 64 -18.62 -3.26 -12.29
N ALA B 65 -19.29 -4.00 -11.43
CA ALA B 65 -19.78 -3.51 -10.18
C ALA B 65 -18.76 -2.84 -9.31
N ILE B 66 -17.54 -3.37 -9.26
CA ILE B 66 -16.55 -2.81 -8.34
C ILE B 66 -16.29 -1.34 -8.60
N ILE B 67 -16.45 -0.90 -9.85
CA ILE B 67 -16.30 0.51 -10.17
C ILE B 67 -17.68 1.13 -10.38
N GLU B 68 -18.48 0.43 -11.17
CA GLU B 68 -19.75 1.04 -11.60
C GLU B 68 -20.78 1.24 -10.52
N ASP B 69 -20.84 0.32 -9.58
CA ASP B 69 -21.84 0.39 -8.52
C ASP B 69 -21.34 1.15 -7.32
N PRO B 70 -21.97 2.25 -6.97
CA PRO B 70 -21.60 3.04 -5.80
C PRO B 70 -21.63 2.23 -4.53
N ASN B 71 -22.52 1.23 -4.47
CA ASN B 71 -22.70 0.41 -3.31
C ASN B 71 -21.53 -0.55 -3.09
N ALA B 72 -20.68 -0.71 -4.08
CA ALA B 72 -19.50 -1.56 -3.93
C ALA B 72 -18.29 -0.75 -3.44
N TYR B 73 -18.53 0.48 -3.02
CA TYR B 73 -17.51 1.36 -2.50
C TYR B 73 -16.56 0.62 -1.57
N GLY B 74 -15.26 0.78 -1.81
CA GLY B 74 -14.27 0.19 -0.91
C GLY B 74 -13.70 -1.12 -1.38
N GLN B 75 -14.46 -1.88 -2.16
CA GLN B 75 -13.93 -3.16 -2.66
C GLN B 75 -12.76 -2.96 -3.61
N ILE B 76 -12.67 -1.82 -4.28
CA ILE B 76 -11.55 -1.56 -5.18
C ILE B 76 -10.25 -1.29 -4.44
N PHE B 77 -10.31 -0.99 -3.15
CA PHE B 77 -9.11 -0.68 -2.39
C PHE B 77 -8.21 -1.92 -2.40
N GLY B 78 -6.93 -1.67 -2.65
CA GLY B 78 -5.96 -2.77 -2.66
C GLY B 78 -5.78 -3.35 -4.06
N THR B 79 -6.64 -2.98 -5.01
CA THR B 79 -6.53 -3.49 -6.36
C THR B 79 -5.56 -2.59 -7.11
N THR B 80 -5.36 -2.85 -8.39
CA THR B 80 -4.43 -2.00 -9.14
C THR B 80 -5.06 -0.63 -9.39
N VAL B 81 -6.35 -0.45 -9.14
CA VAL B 81 -6.99 0.85 -9.34
C VAL B 81 -6.79 1.77 -8.17
N ASP B 82 -6.26 1.22 -7.09
CA ASP B 82 -5.94 1.93 -5.88
C ASP B 82 -4.45 2.24 -5.87
N GLN B 83 -4.12 3.54 -5.89
CA GLN B 83 -2.70 3.91 -5.81
C GLN B 83 -2.06 3.37 -4.55
N ASN B 84 -2.82 3.43 -3.46
CA ASN B 84 -2.45 2.91 -2.17
C ASN B 84 -1.10 3.50 -1.75
N TYR B 85 -1.06 4.82 -1.78
CA TYR B 85 0.19 5.50 -1.43
C TYR B 85 0.43 5.28 0.07
N LEU B 86 1.70 5.17 0.41
CA LEU B 86 2.04 4.97 1.82
C LEU B 86 2.53 6.30 2.39
N THR B 87 2.03 6.63 3.56
CA THR B 87 2.48 7.82 4.24
C THR B 87 3.71 7.40 5.06
N VAL B 88 4.33 8.43 5.60
CA VAL B 88 5.39 8.19 6.59
C VAL B 88 4.64 7.71 7.82
N PRO B 89 5.36 7.19 8.80
CA PRO B 89 4.79 6.82 10.08
C PRO B 89 4.14 8.07 10.67
N LEU B 90 2.88 7.96 11.03
CA LEU B 90 2.12 9.09 11.54
C LEU B 90 2.24 9.22 13.04
N ILE B 91 1.42 10.07 13.64
CA ILE B 91 1.45 10.30 15.07
C ILE B 91 1.25 9.03 15.89
N ASN B 92 0.49 8.06 15.39
CA ASN B 92 0.30 6.80 16.10
C ASN B 92 1.39 5.79 15.78
N ASN B 93 2.46 6.18 15.11
CA ASN B 93 3.62 5.38 14.80
C ASN B 93 3.37 4.26 13.82
N ARG B 94 2.34 4.43 13.00
CA ARG B 94 2.02 3.47 11.97
C ARG B 94 1.99 4.30 10.68
N THR B 95 2.39 3.66 9.60
CA THR B 95 2.24 4.36 8.32
C THR B 95 0.74 4.20 8.05
N ASN B 96 0.21 4.97 7.13
CA ASN B 96 -1.20 4.76 6.79
C ASN B 96 -1.19 4.68 5.27
N ASN B 97 -2.29 4.21 4.71
CA ASN B 97 -2.39 4.06 3.28
C ASN B 97 -3.29 5.20 2.76
N ILE B 98 -2.90 5.76 1.65
CA ILE B 98 -3.71 6.78 1.03
C ILE B 98 -4.42 6.13 -0.16
N LYS B 99 -5.75 6.12 -0.06
CA LYS B 99 -6.51 5.61 -1.20
C LYS B 99 -6.56 6.74 -2.23
N ALA B 100 -6.35 6.40 -3.48
CA ALA B 100 -6.39 7.35 -4.56
C ALA B 100 -6.59 6.49 -5.79
N GLY B 101 -7.33 6.98 -6.75
CA GLY B 101 -7.60 6.14 -7.92
C GLY B 101 -6.43 6.19 -8.89
N LYS B 102 -6.22 5.07 -9.52
CA LYS B 102 -5.22 4.88 -10.53
C LYS B 102 -5.97 4.36 -11.76
N GLY B 103 -6.15 5.26 -12.71
CA GLY B 103 -6.89 4.89 -13.92
C GLY B 103 -7.61 6.16 -14.38
N LEU B 104 -8.10 6.07 -15.60
CA LEU B 104 -8.79 7.25 -16.17
C LEU B 104 -9.95 7.56 -15.26
N GLY B 105 -10.00 8.80 -14.79
CA GLY B 105 -11.03 9.19 -13.82
C GLY B 105 -10.42 9.34 -12.45
N GLY B 106 -9.18 8.84 -12.28
CA GLY B 106 -8.51 9.00 -11.00
C GLY B 106 -9.37 8.52 -9.86
N SER B 107 -9.38 9.33 -8.79
CA SER B 107 -10.12 8.99 -7.58
C SER B 107 -11.63 9.01 -7.73
N THR B 108 -12.12 9.47 -8.86
CA THR B 108 -13.56 9.44 -9.12
C THR B 108 -13.97 7.99 -9.44
N LEU B 109 -12.97 7.15 -9.71
CA LEU B 109 -13.28 5.73 -9.93
C LEU B 109 -13.63 5.00 -8.65
N ILE B 110 -13.09 5.46 -7.50
CA ILE B 110 -13.12 4.72 -6.27
C ILE B 110 -13.72 5.48 -5.11
N ASN B 111 -14.31 6.63 -5.37
CA ASN B 111 -14.77 7.49 -4.28
C ASN B 111 -16.17 7.14 -3.85
N GLY B 112 -16.65 7.82 -2.81
CA GLY B 112 -17.93 7.52 -2.19
C GLY B 112 -19.10 8.10 -2.93
N ASP B 113 -18.86 8.82 -4.01
CA ASP B 113 -19.86 9.41 -4.88
C ASP B 113 -20.66 10.53 -4.24
N SER B 114 -20.27 11.01 -3.08
CA SER B 114 -20.99 12.06 -2.37
C SER B 114 -20.80 13.35 -3.14
N TRP B 115 -21.94 13.99 -3.40
CA TRP B 115 -21.92 15.18 -4.26
C TRP B 115 -22.51 16.34 -3.48
N THR B 116 -21.61 17.12 -2.88
CA THR B 116 -22.07 18.25 -2.08
C THR B 116 -21.15 19.42 -2.45
N ARG B 117 -21.53 20.63 -2.04
CA ARG B 117 -20.67 21.76 -2.40
C ARG B 117 -20.21 22.52 -1.16
N PRO B 118 -19.07 23.19 -1.32
CA PRO B 118 -18.48 23.92 -0.21
C PRO B 118 -19.44 25.03 0.25
N ASP B 119 -19.01 25.63 1.35
CA ASP B 119 -19.73 26.77 1.90
C ASP B 119 -19.27 27.97 1.08
N LYS B 120 -20.22 28.85 0.81
CA LYS B 120 -19.96 30.07 0.05
C LYS B 120 -18.79 30.85 0.66
N VAL B 121 -18.73 30.90 1.98
CA VAL B 121 -17.68 31.72 2.59
C VAL B 121 -16.32 31.09 2.33
N GLN B 122 -16.26 29.76 2.23
CA GLN B 122 -14.97 29.12 1.98
C GLN B 122 -14.40 29.47 0.64
N ILE B 123 -15.25 29.41 -0.41
CA ILE B 123 -14.81 29.72 -1.74
C ILE B 123 -14.55 31.22 -1.90
N ASP B 124 -15.39 32.01 -1.23
CA ASP B 124 -15.17 33.46 -1.27
C ASP B 124 -13.80 33.81 -0.69
N SER B 125 -13.35 33.09 0.33
CA SER B 125 -12.04 33.34 0.93
C SER B 125 -10.92 33.12 -0.06
N TRP B 126 -11.11 32.30 -1.11
CA TRP B 126 -10.05 32.11 -2.08
C TRP B 126 -9.71 33.45 -2.73
N GLU B 127 -10.77 34.22 -3.03
CA GLU B 127 -10.50 35.51 -3.63
C GLU B 127 -10.16 36.53 -2.55
N LYS B 128 -11.03 36.59 -1.54
CA LYS B 128 -10.92 37.65 -0.54
C LYS B 128 -9.73 37.54 0.40
N VAL B 129 -9.30 36.33 0.71
CA VAL B 129 -8.20 36.15 1.65
C VAL B 129 -6.96 35.74 0.87
N PHE B 130 -7.13 34.80 -0.06
CA PHE B 130 -5.96 34.32 -0.78
C PHE B 130 -5.61 35.09 -2.02
N GLY B 131 -6.41 36.09 -2.38
CA GLY B 131 -6.15 36.97 -3.50
C GLY B 131 -6.34 36.38 -4.87
N MET B 132 -7.04 35.25 -4.99
CA MET B 132 -7.20 34.59 -6.27
C MET B 132 -8.44 35.16 -6.96
N GLU B 133 -8.17 36.14 -7.80
CA GLU B 133 -9.21 36.92 -8.46
C GLU B 133 -10.16 36.02 -9.22
N GLY B 134 -11.46 36.17 -8.94
CA GLY B 134 -12.45 35.43 -9.71
C GLY B 134 -12.80 34.10 -9.06
N TRP B 135 -12.09 33.69 -8.01
CA TRP B 135 -12.39 32.46 -7.33
C TRP B 135 -13.26 32.79 -6.12
N ASN B 136 -14.55 32.96 -6.40
CA ASN B 136 -15.49 33.32 -5.34
C ASN B 136 -16.72 32.44 -5.55
N TRP B 137 -17.58 32.41 -4.55
CA TRP B 137 -18.75 31.53 -4.62
C TRP B 137 -19.60 31.80 -5.85
N ASP B 138 -19.96 33.07 -6.10
CA ASP B 138 -20.81 33.35 -7.25
C ASP B 138 -20.25 32.77 -8.54
N ASN B 139 -18.97 32.99 -8.82
CA ASN B 139 -18.39 32.44 -10.03
C ASN B 139 -18.33 30.90 -9.96
N MET B 140 -17.90 30.39 -8.81
CA MET B 140 -17.72 28.93 -8.75
C MET B 140 -19.04 28.18 -8.76
N PHE B 141 -20.06 28.77 -8.17
CA PHE B 141 -21.41 28.20 -8.17
C PHE B 141 -21.85 27.97 -9.61
N GLU B 142 -21.64 28.95 -10.48
CA GLU B 142 -22.00 28.83 -11.89
C GLU B 142 -21.24 27.71 -12.57
N TYR B 143 -19.93 27.68 -12.35
CA TYR B 143 -19.11 26.61 -12.92
C TYR B 143 -19.52 25.26 -12.34
N MET B 144 -19.85 25.19 -11.06
CA MET B 144 -20.23 23.91 -10.48
C MET B 144 -21.56 23.44 -11.04
N LYS B 145 -22.50 24.38 -11.21
CA LYS B 145 -23.78 23.99 -11.82
C LYS B 145 -23.56 23.55 -13.25
N LYS B 146 -22.67 24.23 -13.99
CA LYS B 146 -22.39 23.89 -15.37
C LYS B 146 -21.87 22.46 -15.52
N ALA B 147 -21.23 21.93 -14.50
CA ALA B 147 -20.64 20.60 -14.56
C ALA B 147 -21.65 19.48 -14.37
N GLU B 148 -22.81 19.77 -13.78
CA GLU B 148 -23.72 18.70 -13.41
C GLU B 148 -25.10 18.77 -14.06
N ALA B 149 -25.73 17.61 -14.06
CA ALA B 149 -27.10 17.47 -14.56
C ALA B 149 -27.80 16.69 -13.44
N ALA B 150 -28.54 17.40 -12.61
CA ALA B 150 -29.23 16.82 -11.48
C ALA B 150 -30.62 16.31 -11.84
N ARG B 151 -31.00 15.23 -11.20
CA ARG B 151 -32.33 14.65 -11.31
C ARG B 151 -33.00 14.94 -9.96
N THR B 152 -34.28 15.28 -9.96
CA THR B 152 -34.96 15.48 -8.69
C THR B 152 -35.28 14.13 -8.06
N PRO B 153 -35.29 14.07 -6.74
CA PRO B 153 -35.54 12.85 -6.01
C PRO B 153 -36.97 12.36 -6.24
N THR B 154 -37.10 11.05 -6.07
CA THR B 154 -38.43 10.44 -6.20
C THR B 154 -39.18 10.69 -4.90
N ALA B 155 -40.47 10.28 -4.90
CA ALA B 155 -41.26 10.45 -3.69
C ALA B 155 -40.67 9.71 -2.50
N ALA B 156 -40.23 8.46 -2.71
CA ALA B 156 -39.68 7.66 -1.63
C ALA B 156 -38.36 8.28 -1.16
N GLN B 157 -37.61 8.84 -2.11
CA GLN B 157 -36.34 9.46 -1.74
C GLN B 157 -36.60 10.70 -0.90
N LEU B 158 -37.58 11.50 -1.31
CA LEU B 158 -37.96 12.66 -0.51
C LEU B 158 -38.43 12.23 0.86
N ALA B 159 -39.28 11.20 0.93
CA ALA B 159 -39.81 10.71 2.21
C ALA B 159 -38.72 10.17 3.12
N ALA B 160 -37.68 9.58 2.52
CA ALA B 160 -36.55 9.08 3.29
C ALA B 160 -35.77 10.23 3.93
N GLY B 161 -35.83 11.42 3.34
CA GLY B 161 -35.15 12.56 3.94
C GLY B 161 -34.52 13.47 2.90
N HIS B 162 -34.57 13.12 1.63
CA HIS B 162 -34.00 14.01 0.62
C HIS B 162 -34.75 15.33 0.57
N SER B 163 -33.99 16.37 0.21
CA SER B 163 -34.62 17.68 0.07
C SER B 163 -33.83 18.40 -1.02
N PHE B 164 -34.55 18.77 -2.06
CA PHE B 164 -33.97 19.34 -3.24
C PHE B 164 -34.35 20.80 -3.45
N ASN B 165 -33.31 21.62 -3.39
CA ASN B 165 -33.53 23.07 -3.64
C ASN B 165 -33.15 23.29 -5.08
N ALA B 166 -34.17 23.32 -5.95
CA ALA B 166 -33.95 23.37 -7.38
C ALA B 166 -33.10 24.52 -7.87
N THR B 167 -33.04 25.66 -7.18
CA THR B 167 -32.20 26.76 -7.61
C THR B 167 -30.71 26.41 -7.58
N CYS B 168 -30.26 25.39 -6.86
CA CYS B 168 -28.83 25.14 -6.78
C CYS B 168 -28.27 24.08 -7.70
N HIS B 169 -29.13 23.37 -8.40
CA HIS B 169 -28.65 22.27 -9.23
C HIS B 169 -28.62 22.62 -10.69
N GLY B 170 -27.53 22.24 -11.35
CA GLY B 170 -27.44 22.49 -12.79
C GLY B 170 -28.25 21.33 -13.39
N THR B 171 -28.84 21.52 -14.56
CA THR B 171 -29.63 20.43 -15.12
C THR B 171 -29.10 20.04 -16.49
N ASN B 172 -28.09 20.74 -16.98
CA ASN B 172 -27.63 20.53 -18.35
C ASN B 172 -26.18 20.10 -18.47
N GLY B 173 -25.53 19.91 -17.33
CA GLY B 173 -24.11 19.62 -17.32
C GLY B 173 -23.79 18.18 -17.70
N THR B 174 -22.50 17.89 -17.56
CA THR B 174 -21.92 16.63 -17.96
C THR B 174 -22.00 15.53 -16.93
N VAL B 175 -21.84 15.88 -15.66
CA VAL B 175 -21.84 14.86 -14.62
C VAL B 175 -23.24 14.75 -14.04
N GLN B 176 -23.86 13.60 -14.27
CA GLN B 176 -25.19 13.40 -13.72
C GLN B 176 -25.11 13.24 -12.21
N SER B 177 -26.11 13.81 -11.55
CA SER B 177 -26.21 13.70 -10.12
C SER B 177 -27.68 13.35 -9.79
N GLY B 178 -27.80 12.66 -8.69
CA GLY B 178 -29.13 12.26 -8.25
C GLY B 178 -28.94 11.43 -7.00
N ALA B 179 -30.09 11.11 -6.40
CA ALA B 179 -30.10 10.33 -5.19
C ALA B 179 -29.66 8.90 -5.48
N ARG B 180 -28.74 8.44 -4.63
CA ARG B 180 -28.36 7.04 -4.66
C ARG B 180 -29.64 6.30 -4.27
N ASP B 181 -29.92 5.19 -4.94
CA ASP B 181 -31.12 4.43 -4.57
C ASP B 181 -30.78 2.99 -4.95
N ASN B 182 -30.44 2.19 -3.97
CA ASN B 182 -29.99 0.83 -4.31
C ASN B 182 -31.10 -0.19 -4.37
N GLY B 183 -32.36 0.25 -4.38
CA GLY B 183 -33.47 -0.66 -4.54
C GLY B 183 -34.02 -1.18 -3.24
N GLN B 184 -33.40 -0.88 -2.12
CA GLN B 184 -33.84 -1.35 -0.83
C GLN B 184 -34.83 -0.37 -0.22
N PRO B 185 -35.63 -0.86 0.71
CA PRO B 185 -36.53 -0.01 1.47
C PRO B 185 -35.64 1.06 2.13
N TRP B 186 -36.18 2.24 2.32
CA TRP B 186 -35.41 3.31 2.95
C TRP B 186 -35.34 3.17 4.45
N SER B 187 -34.12 3.24 4.99
CA SER B 187 -33.99 3.20 6.43
C SER B 187 -34.68 4.45 6.98
N PRO B 188 -35.34 4.32 8.12
CA PRO B 188 -35.95 5.45 8.79
C PRO B 188 -34.96 6.24 9.62
N ILE B 189 -33.71 5.77 9.72
CA ILE B 189 -32.71 6.43 10.54
C ILE B 189 -32.31 7.80 10.02
N MET B 190 -32.31 8.05 8.73
CA MET B 190 -31.92 9.38 8.24
C MET B 190 -32.90 10.40 8.83
N LYS B 191 -34.18 10.07 8.74
CA LYS B 191 -35.24 10.90 9.30
C LYS B 191 -35.13 11.00 10.81
N ALA B 192 -34.84 9.86 11.46
CA ALA B 192 -34.64 9.85 12.89
C ALA B 192 -33.48 10.80 13.26
N LEU B 193 -32.40 10.76 12.48
CA LEU B 193 -31.27 11.63 12.78
C LEU B 193 -31.68 13.08 12.63
N MET B 194 -32.40 13.38 11.56
CA MET B 194 -32.89 14.75 11.36
C MET B 194 -33.79 15.18 12.51
N ASN B 195 -34.71 14.28 12.91
CA ASN B 195 -35.62 14.63 14.01
C ASN B 195 -34.83 14.87 15.28
N THR B 196 -33.82 14.07 15.53
CA THR B 196 -32.98 14.22 16.71
C THR B 196 -32.29 15.57 16.73
N VAL B 197 -31.58 15.89 15.64
CA VAL B 197 -30.83 17.15 15.64
C VAL B 197 -31.76 18.34 15.47
N SER B 198 -32.88 18.19 14.77
CA SER B 198 -33.80 19.33 14.67
C SER B 198 -34.33 19.69 16.05
N ALA B 199 -34.52 18.72 16.94
CA ALA B 199 -34.92 18.98 18.31
C ALA B 199 -33.86 19.73 19.10
N LEU B 200 -32.60 19.70 18.64
CA LEU B 200 -31.51 20.41 19.26
C LEU B 200 -31.29 21.78 18.63
N GLY B 201 -32.09 22.12 17.64
CA GLY B 201 -32.02 23.39 16.94
C GLY B 201 -31.05 23.37 15.76
N VAL B 202 -30.66 22.17 15.34
CA VAL B 202 -29.75 22.00 14.21
C VAL B 202 -30.57 21.98 12.93
N PRO B 203 -30.10 22.69 11.91
CA PRO B 203 -30.79 22.73 10.64
C PRO B 203 -30.88 21.34 10.04
N VAL B 204 -31.95 21.07 9.33
CA VAL B 204 -32.10 19.78 8.65
C VAL B 204 -32.60 20.07 7.25
N GLN B 205 -32.26 19.17 6.33
CA GLN B 205 -32.70 19.24 4.96
C GLN B 205 -32.33 20.50 4.20
N GLN B 206 -31.20 21.07 4.60
CA GLN B 206 -30.62 22.17 3.87
C GLN B 206 -29.99 21.49 2.65
N ASP B 207 -30.16 22.07 1.49
CA ASP B 207 -29.59 21.45 0.31
C ASP B 207 -28.11 21.80 0.34
N PHE B 208 -27.28 20.75 0.40
CA PHE B 208 -25.83 20.94 0.48
C PHE B 208 -25.15 21.39 -0.77
N LEU B 209 -25.88 21.67 -1.84
CA LEU B 209 -25.31 22.24 -3.04
C LEU B 209 -25.52 23.76 -3.05
N CYS B 210 -26.19 24.27 -2.03
CA CYS B 210 -26.60 25.67 -2.05
C CYS B 210 -25.71 26.69 -1.40
N GLY B 211 -24.56 26.31 -0.85
CA GLY B 211 -23.69 27.38 -0.35
C GLY B 211 -23.53 27.45 1.13
N HIS B 212 -24.33 26.72 1.90
CA HIS B 212 -24.16 26.78 3.35
C HIS B 212 -24.51 25.43 3.93
N PRO B 213 -23.64 24.45 3.66
CA PRO B 213 -23.84 23.08 4.11
C PRO B 213 -23.79 22.99 5.61
N ARG B 214 -24.97 22.77 6.19
CA ARG B 214 -25.13 22.77 7.63
C ARG B 214 -26.27 21.80 7.99
N GLY B 215 -26.10 21.17 9.13
CA GLY B 215 -27.14 20.31 9.65
C GLY B 215 -27.13 18.95 8.95
N VAL B 216 -28.26 18.28 9.13
CA VAL B 216 -28.39 16.92 8.61
C VAL B 216 -29.27 16.88 7.37
N SER B 217 -28.67 16.37 6.31
CA SER B 217 -29.38 16.22 5.06
C SER B 217 -28.92 14.93 4.37
N MET B 218 -29.78 14.53 3.45
CA MET B 218 -29.39 13.43 2.58
C MET B 218 -28.79 14.17 1.39
N ILE B 219 -27.94 13.47 0.66
CA ILE B 219 -27.19 14.14 -0.39
C ILE B 219 -27.36 13.48 -1.74
N MET B 220 -26.90 14.19 -2.73
CA MET B 220 -26.88 13.76 -4.10
C MET B 220 -25.61 12.90 -4.23
N ASN B 221 -25.61 12.13 -5.29
CA ASN B 221 -24.41 11.35 -5.64
C ASN B 221 -24.19 11.62 -7.10
N ASN B 222 -23.02 11.32 -7.63
CA ASN B 222 -22.75 11.52 -9.04
C ASN B 222 -23.06 10.16 -9.68
N LEU B 223 -24.36 9.93 -9.84
CA LEU B 223 -24.85 8.65 -10.39
C LEU B 223 -25.81 8.96 -11.53
N ASP B 224 -25.75 8.16 -12.59
CA ASP B 224 -26.66 8.41 -13.70
C ASP B 224 -28.01 7.77 -13.30
N GLU B 225 -28.90 7.68 -14.28
CA GLU B 225 -30.22 7.13 -14.03
C GLU B 225 -30.19 5.63 -13.79
N ASN B 226 -29.10 4.98 -14.18
CA ASN B 226 -28.91 3.55 -13.96
C ASN B 226 -28.17 3.28 -12.67
N GLN B 227 -27.99 4.31 -11.85
CA GLN B 227 -27.34 4.24 -10.56
C GLN B 227 -25.86 3.82 -10.77
N VAL B 228 -25.33 4.23 -11.88
CA VAL B 228 -23.94 3.93 -12.21
C VAL B 228 -23.10 5.15 -11.83
N ARG B 229 -21.99 4.82 -11.18
CA ARG B 229 -21.04 5.85 -10.80
C ARG B 229 -20.63 6.65 -12.02
N VAL B 230 -20.80 7.96 -12.00
CA VAL B 230 -20.34 8.76 -13.15
C VAL B 230 -18.93 9.24 -12.82
N ASP B 231 -17.95 8.35 -13.02
CA ASP B 231 -16.58 8.78 -12.76
C ASP B 231 -16.22 9.79 -13.84
N ALA B 232 -15.06 10.43 -13.71
CA ALA B 232 -14.69 11.45 -14.69
C ALA B 232 -14.42 10.91 -16.08
N ALA B 233 -14.00 9.65 -16.20
CA ALA B 233 -13.76 9.06 -17.52
C ALA B 233 -15.13 8.89 -18.21
N ARG B 234 -16.10 8.38 -17.47
CA ARG B 234 -17.43 8.18 -18.04
C ARG B 234 -18.03 9.51 -18.47
N ALA B 235 -17.90 10.53 -17.61
CA ALA B 235 -18.45 11.84 -17.91
C ALA B 235 -17.73 12.55 -19.04
N TRP B 236 -16.40 12.58 -18.98
CA TRP B 236 -15.63 13.41 -19.90
C TRP B 236 -14.83 12.72 -20.98
N LEU B 237 -14.52 11.44 -20.80
CA LEU B 237 -13.69 10.78 -21.79
C LEU B 237 -14.51 9.88 -22.69
N LEU B 238 -15.43 9.16 -22.05
CA LEU B 238 -16.27 8.22 -22.79
C LEU B 238 -16.92 8.87 -24.00
N PRO B 239 -17.54 10.04 -23.84
CA PRO B 239 -18.16 10.72 -24.96
C PRO B 239 -17.20 11.29 -25.98
N ASN B 240 -15.94 11.56 -25.61
CA ASN B 240 -15.00 12.30 -26.40
C ASN B 240 -13.70 11.64 -26.80
N TYR B 241 -13.53 10.38 -26.46
CA TYR B 241 -12.27 9.68 -26.75
C TYR B 241 -11.99 9.47 -28.22
N GLN B 242 -12.97 9.58 -29.12
CA GLN B 242 -12.71 9.45 -30.55
C GLN B 242 -12.23 10.75 -31.16
N ARG B 243 -12.21 11.85 -30.40
CA ARG B 243 -11.67 13.08 -30.99
C ARG B 243 -10.24 12.78 -31.42
N SER B 244 -9.91 13.14 -32.64
CA SER B 244 -8.57 12.90 -33.16
C SER B 244 -7.52 13.78 -32.49
N ASN B 245 -7.89 14.87 -31.85
CA ASN B 245 -6.96 15.76 -31.20
C ASN B 245 -6.81 15.47 -29.72
N LEU B 246 -7.43 14.39 -29.26
CA LEU B 246 -7.34 14.00 -27.86
C LEU B 246 -6.61 12.66 -27.84
N GLU B 247 -5.40 12.64 -27.31
CA GLU B 247 -4.66 11.37 -27.26
C GLU B 247 -4.45 11.03 -25.79
N ILE B 248 -4.78 9.79 -25.47
CA ILE B 248 -4.72 9.34 -24.09
C ILE B 248 -3.69 8.20 -24.02
N LEU B 249 -2.62 8.47 -23.30
CA LEU B 249 -1.60 7.44 -23.13
C LEU B 249 -1.81 6.87 -21.74
N THR B 250 -2.13 5.59 -21.67
CA THR B 250 -2.42 4.94 -20.41
C THR B 250 -1.21 4.09 -20.01
N GLY B 251 -1.18 3.78 -18.73
CA GLY B 251 -0.15 2.91 -18.18
C GLY B 251 1.22 3.54 -18.04
N GLN B 252 1.30 4.88 -18.09
CA GLN B 252 2.60 5.54 -18.09
C GLN B 252 2.57 6.69 -17.08
N MET B 253 3.73 7.02 -16.51
CA MET B 253 3.68 8.08 -15.51
C MET B 253 4.52 9.27 -15.97
N VAL B 254 3.99 10.45 -15.70
CA VAL B 254 4.84 11.63 -15.97
C VAL B 254 5.78 11.68 -14.77
N GLY B 255 7.08 11.81 -15.07
CA GLY B 255 8.04 11.84 -13.96
C GLY B 255 8.50 13.28 -13.72
N LYS B 256 8.68 13.99 -14.82
CA LYS B 256 9.18 15.35 -14.61
C LYS B 256 8.81 16.21 -15.79
N VAL B 257 8.87 17.51 -15.47
CA VAL B 257 8.57 18.49 -16.50
C VAL B 257 9.92 18.89 -17.08
N LEU B 258 9.92 19.05 -18.39
CA LEU B 258 11.13 19.48 -19.11
C LEU B 258 10.98 20.99 -19.33
N PHE B 259 12.08 21.69 -19.12
CA PHE B 259 12.02 23.14 -19.27
C PHE B 259 13.13 23.65 -20.17
N LYS B 260 12.86 24.84 -20.68
CA LYS B 260 13.89 25.60 -21.39
C LYS B 260 13.98 26.91 -20.57
N GLN B 261 15.18 27.45 -20.51
CA GLN B 261 15.36 28.68 -19.73
C GLN B 261 15.02 29.87 -20.60
N THR B 262 14.22 30.78 -20.01
CA THR B 262 13.88 32.00 -20.72
C THR B 262 14.23 33.12 -19.74
N ALA B 263 14.20 34.35 -20.27
CA ALA B 263 14.50 35.51 -19.44
C ALA B 263 13.47 35.58 -18.33
N SER B 264 12.21 35.24 -18.60
CA SER B 264 11.17 35.26 -17.59
C SER B 264 10.97 33.91 -16.91
N GLY B 265 12.04 33.18 -16.63
CA GLY B 265 11.99 31.92 -15.95
C GLY B 265 11.88 30.69 -16.83
N PRO B 266 11.82 29.54 -16.16
CA PRO B 266 11.75 28.28 -16.87
C PRO B 266 10.45 28.20 -17.65
N GLN B 267 10.52 27.70 -18.86
CA GLN B 267 9.31 27.54 -19.66
C GLN B 267 9.17 26.03 -19.89
N ALA B 268 8.03 25.48 -19.50
CA ALA B 268 7.86 24.03 -19.66
C ALA B 268 7.72 23.74 -21.14
N VAL B 269 8.47 22.76 -21.63
CA VAL B 269 8.43 22.44 -23.04
C VAL B 269 7.96 21.01 -23.26
N GLY B 270 7.75 20.30 -22.15
CA GLY B 270 7.29 18.92 -22.34
C GLY B 270 7.48 18.20 -21.00
N VAL B 271 7.38 16.87 -21.09
CA VAL B 271 7.51 16.09 -19.88
C VAL B 271 8.36 14.87 -20.24
N ASN B 272 8.90 14.31 -19.20
CA ASN B 272 9.56 13.03 -19.33
C ASN B 272 8.52 12.07 -18.71
N PHE B 273 8.21 10.99 -19.41
CA PHE B 273 7.24 10.06 -18.82
C PHE B 273 7.75 8.64 -19.08
N GLY B 274 7.15 7.72 -18.36
CA GLY B 274 7.58 6.33 -18.59
C GLY B 274 7.26 5.55 -17.33
N THR B 275 8.04 4.50 -17.14
CA THR B 275 7.73 3.61 -16.02
C THR B 275 8.95 3.33 -15.18
N ASN B 276 10.13 3.75 -15.67
CA ASN B 276 11.33 3.42 -14.93
C ASN B 276 12.43 4.39 -15.32
N LYS B 277 13.44 4.50 -14.47
CA LYS B 277 14.55 5.41 -14.79
C LYS B 277 15.19 5.09 -16.12
N ALA B 278 15.13 3.85 -16.61
CA ALA B 278 15.73 3.52 -17.89
C ALA B 278 14.65 3.22 -18.91
N VAL B 279 13.39 3.46 -18.57
CA VAL B 279 12.31 3.26 -19.53
C VAL B 279 11.41 4.50 -19.47
N ASN B 280 11.87 5.53 -20.16
CA ASN B 280 11.14 6.81 -20.11
C ASN B 280 11.49 7.56 -21.37
N PHE B 281 10.56 8.47 -21.70
CA PHE B 281 10.57 9.14 -22.98
C PHE B 281 10.25 10.61 -22.76
N ASP B 282 10.75 11.40 -23.71
CA ASP B 282 10.38 12.82 -23.65
C ASP B 282 9.25 13.02 -24.66
N VAL B 283 8.35 13.92 -24.30
CA VAL B 283 7.25 14.29 -25.19
C VAL B 283 7.05 15.78 -24.92
N PHE B 284 6.73 16.50 -26.00
CA PHE B 284 6.76 17.95 -25.93
C PHE B 284 5.41 18.62 -26.05
N ALA B 285 5.37 19.81 -25.43
CA ALA B 285 4.13 20.59 -25.49
C ALA B 285 4.48 21.96 -26.08
N LYS B 286 3.73 22.34 -27.10
CA LYS B 286 3.90 23.62 -27.77
C LYS B 286 3.39 24.71 -26.85
N HIS B 287 2.27 24.39 -26.17
CA HIS B 287 1.73 25.41 -25.29
C HIS B 287 2.09 25.18 -23.85
N GLU B 288 1.37 24.23 -23.20
CA GLU B 288 1.58 24.07 -21.77
C GLU B 288 1.57 22.63 -21.30
N VAL B 289 2.18 22.48 -20.13
CA VAL B 289 2.15 21.20 -19.44
C VAL B 289 1.24 21.44 -18.25
N LEU B 290 0.26 20.57 -18.08
CA LEU B 290 -0.70 20.73 -17.00
C LEU B 290 -0.60 19.52 -16.08
N LEU B 291 -0.27 19.79 -14.83
CA LEU B 291 -0.10 18.67 -13.90
C LEU B 291 -1.46 18.42 -13.23
N ALA B 292 -1.89 17.18 -13.36
CA ALA B 292 -3.21 16.83 -12.82
C ALA B 292 -3.11 15.44 -12.20
N ALA B 293 -1.94 15.17 -11.62
CA ALA B 293 -1.67 13.83 -11.11
C ALA B 293 -2.19 13.61 -9.70
N GLY B 294 -2.89 14.58 -9.13
CA GLY B 294 -3.48 14.41 -7.81
C GLY B 294 -2.56 15.14 -6.83
N SER B 295 -3.12 15.52 -5.72
CA SER B 295 -2.45 16.30 -4.68
C SER B 295 -1.27 15.56 -4.07
N ALA B 296 -1.25 14.22 -4.13
CA ALA B 296 -0.10 13.51 -3.58
C ALA B 296 1.04 13.51 -4.58
N ILE B 297 0.80 13.72 -5.87
CA ILE B 297 1.82 13.52 -6.87
C ILE B 297 2.27 14.76 -7.61
N SER B 298 1.32 15.65 -7.94
CA SER B 298 1.68 16.86 -8.66
C SER B 298 2.81 17.63 -7.98
N PRO B 299 2.80 17.81 -6.69
CA PRO B 299 3.92 18.47 -6.00
C PRO B 299 5.21 17.72 -6.25
N LEU B 300 5.14 16.38 -6.21
CA LEU B 300 6.33 15.58 -6.47
C LEU B 300 6.87 15.79 -7.86
N ILE B 301 6.00 15.81 -8.89
CA ILE B 301 6.47 16.03 -10.24
C ILE B 301 7.20 17.39 -10.30
N LEU B 302 6.65 18.39 -9.64
CA LEU B 302 7.35 19.68 -9.63
C LEU B 302 8.72 19.54 -8.99
N GLU B 303 8.77 18.91 -7.82
CA GLU B 303 10.04 18.71 -7.11
C GLU B 303 10.98 17.89 -7.94
N TYR B 304 10.51 16.81 -8.58
CA TYR B 304 11.41 16.04 -9.43
C TYR B 304 11.95 16.90 -10.57
N SER B 305 11.21 17.92 -10.99
CA SER B 305 11.58 18.80 -12.06
C SER B 305 12.42 19.98 -11.57
N GLY B 306 12.71 20.04 -10.28
CA GLY B 306 13.60 21.07 -9.77
C GLY B 306 12.85 22.26 -9.22
N ILE B 307 11.53 22.11 -9.04
CA ILE B 307 10.77 23.23 -8.50
C ILE B 307 10.30 22.86 -7.11
N GLY B 308 10.82 23.54 -6.11
CA GLY B 308 10.43 23.21 -4.75
C GLY B 308 11.43 23.84 -3.78
N LEU B 309 11.24 23.46 -2.53
CA LEU B 309 12.09 24.01 -1.49
C LEU B 309 13.50 23.49 -1.68
N LYS B 310 14.44 24.44 -1.52
CA LYS B 310 15.83 23.98 -1.65
C LYS B 310 16.15 22.88 -0.67
N SER B 311 15.75 22.94 0.59
CA SER B 311 16.06 21.90 1.56
C SER B 311 15.60 20.53 1.10
N VAL B 312 14.41 20.49 0.52
CA VAL B 312 13.86 19.23 0.01
C VAL B 312 14.66 18.74 -1.18
N LEU B 313 14.88 19.64 -2.15
CA LEU B 313 15.57 19.30 -3.37
C LEU B 313 17.02 18.89 -3.10
N ASP B 314 17.67 19.62 -2.21
CA ASP B 314 19.05 19.23 -1.91
C ASP B 314 19.11 17.81 -1.38
N GLN B 315 18.25 17.50 -0.41
CA GLN B 315 18.19 16.17 0.18
C GLN B 315 17.93 15.10 -0.87
N ALA B 316 17.08 15.42 -1.85
CA ALA B 316 16.73 14.49 -2.92
C ALA B 316 17.75 14.46 -4.05
N ASN B 317 18.77 15.31 -4.01
CA ASN B 317 19.77 15.36 -5.06
C ASN B 317 19.18 15.87 -6.37
N VAL B 318 18.22 16.79 -6.26
CA VAL B 318 17.64 17.37 -7.46
C VAL B 318 18.13 18.81 -7.58
N THR B 319 18.65 19.14 -8.74
CA THR B 319 19.09 20.51 -8.95
C THR B 319 17.88 21.43 -8.96
N GLN B 320 17.98 22.46 -8.13
CA GLN B 320 16.87 23.39 -8.02
C GLN B 320 16.84 24.33 -9.21
N LEU B 321 15.65 24.44 -9.78
CA LEU B 321 15.39 25.34 -10.87
C LEU B 321 14.73 26.61 -10.34
N LEU B 322 13.85 26.37 -9.37
CA LEU B 322 13.04 27.45 -8.84
C LEU B 322 12.66 27.13 -7.41
N ASP B 323 12.81 28.10 -6.54
CA ASP B 323 12.45 27.86 -5.14
C ASP B 323 11.00 28.33 -4.99
N LEU B 324 10.15 27.37 -4.65
CA LEU B 324 8.73 27.62 -4.47
C LEU B 324 8.30 26.67 -3.36
N PRO B 325 7.33 27.04 -2.55
CA PRO B 325 6.91 26.26 -1.42
C PRO B 325 6.00 25.11 -1.83
N VAL B 326 6.53 24.27 -2.71
CA VAL B 326 5.83 23.12 -3.22
C VAL B 326 5.73 22.06 -2.14
N GLY B 327 4.59 21.34 -2.12
CA GLY B 327 4.44 20.20 -1.23
C GLY B 327 4.32 20.48 0.23
N ILE B 328 4.02 21.72 0.61
CA ILE B 328 3.80 22.04 2.00
C ILE B 328 2.39 22.68 1.99
N ASN B 329 1.87 22.91 3.16
CA ASN B 329 0.53 23.46 3.34
C ASN B 329 -0.53 22.38 3.11
N MET B 330 -0.07 21.15 2.95
CA MET B 330 -0.99 20.09 2.59
C MET B 330 -1.98 19.83 3.70
N GLN B 331 -3.25 19.70 3.29
CA GLN B 331 -4.29 19.53 4.29
C GLN B 331 -5.20 18.36 3.95
N ASP B 332 -5.07 17.32 4.76
CA ASP B 332 -6.01 16.21 4.63
C ASP B 332 -6.74 16.23 5.97
N GLN B 333 -7.82 15.48 6.04
CA GLN B 333 -8.61 15.41 7.25
C GLN B 333 -8.44 14.02 7.87
N THR B 334 -8.75 13.96 9.15
CA THR B 334 -8.67 12.72 9.88
C THR B 334 -10.09 12.15 9.96
N THR B 335 -10.17 10.87 9.68
CA THR B 335 -11.48 10.23 9.76
C THR B 335 -11.48 9.19 10.86
N THR B 336 -12.55 9.20 11.62
CA THR B 336 -12.75 8.17 12.64
C THR B 336 -14.13 7.58 12.33
N THR B 337 -14.39 6.46 13.00
CA THR B 337 -15.65 5.77 12.75
C THR B 337 -16.28 5.43 14.09
N VAL B 338 -17.58 5.71 14.15
CA VAL B 338 -18.35 5.37 15.34
C VAL B 338 -19.49 4.55 14.71
N SER B 339 -19.54 3.28 15.10
CA SER B 339 -20.51 2.40 14.46
C SER B 339 -21.32 1.66 15.52
N SER B 340 -22.61 1.57 15.20
CA SER B 340 -23.53 0.91 16.11
C SER B 340 -24.45 0.04 15.25
N ARG B 341 -24.96 -0.99 15.88
CA ARG B 341 -25.90 -1.86 15.19
C ARG B 341 -27.25 -1.15 15.26
N ALA B 342 -28.02 -1.26 14.18
CA ALA B 342 -29.36 -0.67 14.20
C ALA B 342 -30.36 -1.80 14.49
N SER B 343 -31.48 -1.46 15.13
CA SER B 343 -32.49 -2.49 15.35
C SER B 343 -33.03 -2.92 14.00
N SER B 344 -33.83 -3.98 13.96
CA SER B 344 -34.40 -4.45 12.69
C SER B 344 -35.27 -3.38 12.07
N ALA B 345 -35.98 -2.60 12.88
CA ALA B 345 -36.81 -1.51 12.39
C ALA B 345 -35.99 -0.46 11.62
N GLY B 346 -34.72 -0.27 12.00
CA GLY B 346 -33.89 0.72 11.34
C GLY B 346 -33.22 0.23 10.06
N ALA B 347 -33.50 -0.99 9.64
CA ALA B 347 -32.88 -1.53 8.43
C ALA B 347 -33.30 -0.75 7.19
N GLY B 348 -32.51 -0.94 6.15
CA GLY B 348 -32.77 -0.31 4.88
C GLY B 348 -31.56 0.53 4.46
N GLN B 349 -31.74 1.13 3.30
CA GLN B 349 -30.65 1.90 2.72
C GLN B 349 -30.76 3.37 3.14
N GLY B 350 -29.65 4.04 2.87
CA GLY B 350 -29.65 5.48 3.12
C GLY B 350 -28.39 5.93 3.81
N GLN B 351 -27.98 7.11 3.36
CA GLN B 351 -26.86 7.81 3.94
C GLN B 351 -27.38 9.21 4.29
N ALA B 352 -26.83 9.74 5.37
CA ALA B 352 -27.21 11.12 5.72
C ALA B 352 -25.88 11.74 6.18
N VAL B 353 -25.82 13.04 5.97
CA VAL B 353 -24.60 13.76 6.32
C VAL B 353 -25.01 14.85 7.30
N PHE B 354 -24.24 14.92 8.36
CA PHE B 354 -24.42 15.98 9.33
C PHE B 354 -23.20 16.91 9.19
N PHE B 355 -23.45 18.11 8.71
CA PHE B 355 -22.40 19.12 8.62
C PHE B 355 -22.57 19.94 9.90
N ALA B 356 -21.81 19.54 10.91
CA ALA B 356 -21.90 20.13 12.23
C ALA B 356 -20.97 21.34 12.34
N ASN B 357 -21.53 22.42 12.85
CA ASN B 357 -20.65 23.61 13.00
C ASN B 357 -19.83 23.44 14.26
N PHE B 358 -19.12 24.51 14.60
CA PHE B 358 -18.25 24.52 15.76
C PHE B 358 -18.93 24.15 17.07
N THR B 359 -20.03 24.83 17.40
CA THR B 359 -20.70 24.56 18.67
C THR B 359 -21.41 23.22 18.69
N GLU B 360 -21.96 22.82 17.55
CA GLU B 360 -22.58 21.48 17.53
C GLU B 360 -21.54 20.39 17.77
N THR B 361 -20.34 20.60 17.22
CA THR B 361 -19.30 19.58 17.35
C THR B 361 -18.73 19.54 18.76
N PHE B 362 -18.37 20.72 19.28
CA PHE B 362 -17.72 20.79 20.58
C PHE B 362 -18.67 20.73 21.76
N GLY B 363 -19.92 21.12 21.57
CA GLY B 363 -20.91 21.06 22.63
C GLY B 363 -20.45 21.81 23.87
N ASP B 364 -20.37 21.10 25.00
CA ASP B 364 -19.96 21.67 26.27
C ASP B 364 -18.50 22.11 26.28
N TYR B 365 -17.69 21.63 25.35
CA TYR B 365 -16.30 22.03 25.25
C TYR B 365 -16.10 23.21 24.31
N ALA B 366 -17.18 23.74 23.75
CA ALA B 366 -17.13 24.88 22.84
C ALA B 366 -16.36 26.06 23.42
N PRO B 367 -16.66 26.52 24.63
CA PRO B 367 -15.95 27.62 25.25
C PRO B 367 -14.45 27.38 25.25
N GLN B 368 -14.01 26.22 25.71
CA GLN B 368 -12.60 25.85 25.75
C GLN B 368 -11.98 25.80 24.36
N ALA B 369 -12.69 25.20 23.41
CA ALA B 369 -12.21 25.15 22.03
C ALA B 369 -12.10 26.57 21.48
N ARG B 370 -13.11 27.41 21.77
CA ARG B 370 -13.08 28.80 21.30
C ARG B 370 -11.87 29.52 21.88
N ASP B 371 -11.58 29.33 23.17
CA ASP B 371 -10.42 29.94 23.80
C ASP B 371 -9.13 29.57 23.07
N LEU B 372 -8.99 28.30 22.70
CA LEU B 372 -7.81 27.86 21.96
C LEU B 372 -7.69 28.60 20.64
N LEU B 373 -8.79 28.68 19.89
CA LEU B 373 -8.74 29.36 18.61
C LEU B 373 -8.38 30.83 18.76
N ASN B 374 -8.90 31.42 19.82
CA ASN B 374 -8.67 32.84 20.06
C ASN B 374 -7.27 33.14 20.57
N THR B 375 -6.59 32.16 21.16
CA THR B 375 -5.29 32.45 21.76
C THR B 375 -4.12 31.69 21.21
N LYS B 376 -4.33 30.55 20.54
CA LYS B 376 -3.18 29.74 20.14
C LYS B 376 -2.77 29.83 18.69
N LEU B 377 -3.42 30.65 17.86
CA LEU B 377 -3.06 30.68 16.45
C LEU B 377 -1.60 30.96 16.17
N ASP B 378 -1.03 31.95 16.84
CA ASP B 378 0.37 32.29 16.60
C ASP B 378 1.27 31.11 16.93
N GLN B 379 1.02 30.53 18.09
CA GLN B 379 1.80 29.39 18.55
C GLN B 379 1.65 28.22 17.56
N TRP B 380 0.40 27.92 17.21
CA TRP B 380 0.19 26.84 16.26
C TRP B 380 0.89 27.09 14.94
N ALA B 381 0.81 28.34 14.46
CA ALA B 381 1.45 28.67 13.19
C ALA B 381 2.95 28.46 13.30
N GLU B 382 3.53 28.89 14.42
CA GLU B 382 4.96 28.71 14.62
C GLU B 382 5.32 27.22 14.64
N GLU B 383 4.51 26.45 15.35
CA GLU B 383 4.81 25.02 15.47
C GLU B 383 4.62 24.31 14.15
N THR B 384 3.59 24.71 13.39
CA THR B 384 3.38 24.06 12.09
C THR B 384 4.53 24.35 11.16
N VAL B 385 5.00 25.62 11.18
CA VAL B 385 6.13 25.96 10.33
C VAL B 385 7.36 25.20 10.81
N ALA B 386 7.57 25.13 12.11
CA ALA B 386 8.75 24.46 12.64
C ALA B 386 8.81 22.99 12.24
N ARG B 387 7.65 22.33 12.12
CA ARG B 387 7.68 20.92 11.72
C ARG B 387 7.63 20.72 10.23
N GLY B 388 7.72 21.79 9.44
CA GLY B 388 7.81 21.73 8.00
C GLY B 388 6.48 21.64 7.29
N GLY B 389 5.41 22.05 7.99
CA GLY B 389 4.08 22.00 7.38
C GLY B 389 3.86 23.25 6.53
N PHE B 390 4.63 24.29 6.84
CA PHE B 390 4.54 25.52 6.05
C PHE B 390 5.84 26.30 6.26
N HIS B 391 6.04 27.38 5.54
CA HIS B 391 7.34 28.05 5.61
C HIS B 391 7.28 29.48 6.08
N ASN B 392 6.08 30.05 6.11
CA ASN B 392 5.94 31.46 6.47
C ASN B 392 4.87 31.52 7.56
N VAL B 393 5.33 31.77 8.77
CA VAL B 393 4.41 31.79 9.91
C VAL B 393 3.32 32.84 9.72
N THR B 394 3.67 34.03 9.27
CA THR B 394 2.72 35.12 9.10
C THR B 394 1.64 34.73 8.10
N ALA B 395 2.10 34.13 7.00
CA ALA B 395 1.17 33.72 5.96
C ALA B 395 0.29 32.59 6.48
N LEU B 396 0.86 31.70 7.29
CA LEU B 396 0.06 30.60 7.83
C LEU B 396 -0.99 31.13 8.79
N LYS B 397 -0.60 32.15 9.56
CA LYS B 397 -1.52 32.78 10.49
C LYS B 397 -2.75 33.29 9.75
N VAL B 398 -2.58 33.80 8.55
CA VAL B 398 -3.68 34.29 7.71
C VAL B 398 -4.66 33.14 7.45
N GLN B 399 -4.09 31.98 7.11
CA GLN B 399 -4.95 30.81 6.90
C GLN B 399 -5.69 30.45 8.16
N TYR B 400 -5.00 30.49 9.30
CA TYR B 400 -5.62 30.12 10.56
C TYR B 400 -6.72 31.08 10.95
N GLU B 401 -6.45 32.37 10.73
CA GLU B 401 -7.46 33.39 11.04
C GLU B 401 -8.67 33.21 10.13
N ASN B 402 -8.39 32.83 8.88
CA ASN B 402 -9.44 32.54 7.92
C ASN B 402 -10.30 31.40 8.45
N TYR B 403 -9.65 30.31 8.88
CA TYR B 403 -10.41 29.17 9.42
C TYR B 403 -11.15 29.55 10.68
N ARG B 404 -10.46 30.30 11.56
CA ARG B 404 -11.12 30.78 12.76
C ARG B 404 -12.39 31.57 12.39
N ASN B 405 -12.27 32.47 11.44
CA ASN B 405 -13.40 33.29 10.99
C ASN B 405 -14.57 32.39 10.56
N TRP B 406 -14.24 31.43 9.70
CA TRP B 406 -15.25 30.46 9.28
C TRP B 406 -15.96 29.82 10.47
N LEU B 407 -15.18 29.23 11.37
CA LEU B 407 -15.71 28.48 12.48
C LEU B 407 -16.50 29.33 13.48
N LEU B 408 -15.92 30.46 13.87
CA LEU B 408 -16.59 31.25 14.90
C LEU B 408 -17.51 32.31 14.38
N ASP B 409 -17.26 32.86 13.20
CA ASP B 409 -18.07 33.97 12.73
C ASP B 409 -19.03 33.63 11.61
N GLU B 410 -18.74 32.58 10.86
CA GLU B 410 -19.53 32.33 9.66
C GLU B 410 -20.36 31.07 9.73
N ASP B 411 -20.41 30.45 10.89
CA ASP B 411 -21.24 29.26 11.07
C ASP B 411 -20.88 28.19 10.05
N VAL B 412 -19.59 28.06 9.75
CA VAL B 412 -19.18 27.06 8.76
C VAL B 412 -19.11 25.70 9.44
N ALA B 413 -19.48 24.68 8.68
CA ALA B 413 -19.44 23.31 9.16
C ALA B 413 -17.97 22.97 9.47
N PHE B 414 -17.82 22.48 10.67
CA PHE B 414 -16.49 22.15 11.19
C PHE B 414 -16.23 20.65 11.03
N ALA B 415 -17.27 19.85 11.31
CA ALA B 415 -17.08 18.41 11.22
C ALA B 415 -18.19 17.84 10.33
N GLU B 416 -17.83 16.77 9.64
CA GLU B 416 -18.80 16.09 8.80
C GLU B 416 -18.97 14.71 9.44
N LEU B 417 -20.21 14.40 9.76
CA LEU B 417 -20.53 13.08 10.31
C LEU B 417 -21.32 12.42 9.19
N PHE B 418 -20.70 11.42 8.58
CA PHE B 418 -21.27 10.77 7.42
C PHE B 418 -21.90 9.47 7.89
N MET B 419 -23.22 9.43 7.79
CA MET B 419 -23.93 8.27 8.31
C MET B 419 -24.39 7.32 7.22
N ASP B 420 -24.01 6.07 7.39
CA ASP B 420 -24.43 5.01 6.54
C ASP B 420 -25.38 4.17 7.40
N THR B 421 -26.35 3.55 6.74
CA THR B 421 -27.30 2.74 7.53
C THR B 421 -27.07 1.30 7.11
N GLU B 422 -27.90 0.76 6.24
CA GLU B 422 -27.75 -0.63 5.81
C GLU B 422 -27.65 -1.60 6.97
N GLY B 423 -28.47 -1.44 8.00
CA GLY B 423 -28.50 -2.30 9.16
C GLY B 423 -27.70 -1.78 10.33
N LYS B 424 -26.98 -0.68 10.11
CA LYS B 424 -26.17 -0.09 11.15
C LYS B 424 -26.51 1.40 11.27
N ILE B 425 -25.85 1.99 12.25
CA ILE B 425 -25.83 3.44 12.44
C ILE B 425 -24.31 3.70 12.43
N ASN B 426 -23.81 3.77 11.20
CA ASN B 426 -22.38 3.88 10.99
C ASN B 426 -22.01 5.32 10.62
N PHE B 427 -21.17 5.87 11.48
CA PHE B 427 -20.67 7.22 11.24
C PHE B 427 -19.18 7.18 10.91
N ASP B 428 -18.89 7.67 9.73
CA ASP B 428 -17.54 7.95 9.30
C ASP B 428 -17.54 9.48 9.50
N LEU B 429 -16.56 9.97 10.23
CA LEU B 429 -16.64 11.40 10.52
C LEU B 429 -15.24 12.00 10.53
N TRP B 430 -15.26 13.28 10.11
CA TRP B 430 -13.99 13.97 10.05
C TRP B 430 -14.16 15.46 10.32
N ASP B 431 -13.13 15.92 11.02
CA ASP B 431 -12.98 17.35 11.24
C ASP B 431 -12.56 17.87 9.87
N LEU B 432 -13.39 18.75 9.30
CA LEU B 432 -13.18 19.22 7.96
C LEU B 432 -12.09 20.27 7.83
N ILE B 433 -11.82 21.00 8.91
CA ILE B 433 -10.98 22.20 8.85
C ILE B 433 -9.75 22.03 9.72
N PRO B 434 -8.72 21.40 9.16
CA PRO B 434 -7.53 21.11 9.91
C PRO B 434 -6.67 22.37 10.08
N PHE B 435 -6.01 22.43 11.22
CA PHE B 435 -5.02 23.49 11.46
C PHE B 435 -3.65 22.90 11.16
N THR B 436 -3.56 21.57 11.24
CA THR B 436 -2.28 20.96 10.88
C THR B 436 -2.03 21.28 9.41
N ARG B 437 -0.76 21.33 9.03
CA ARG B 437 -0.35 21.45 7.65
C ARG B 437 0.69 20.33 7.48
N GLY B 438 0.52 19.61 6.39
CA GLY B 438 1.40 18.46 6.17
C GLY B 438 2.33 18.82 5.01
N SER B 439 3.08 17.79 4.61
CA SER B 439 4.03 18.01 3.54
C SER B 439 4.05 16.74 2.68
N VAL B 440 4.44 16.95 1.46
CA VAL B 440 4.59 15.82 0.54
C VAL B 440 5.78 16.18 -0.31
N HIS B 441 6.85 15.41 -0.13
CA HIS B 441 8.08 15.73 -0.83
C HIS B 441 8.80 14.48 -1.34
N ILE B 442 9.52 14.69 -2.41
CA ILE B 442 10.36 13.64 -2.97
C ILE B 442 11.51 13.42 -1.99
N LEU B 443 12.06 12.21 -2.02
CA LEU B 443 13.19 11.91 -1.15
C LEU B 443 14.44 11.59 -1.96
N SER B 444 14.25 11.44 -3.27
CA SER B 444 15.38 11.11 -4.15
C SER B 444 15.06 11.64 -5.52
N SER B 445 16.00 11.54 -6.44
CA SER B 445 15.86 12.22 -7.72
C SER B 445 15.19 11.45 -8.81
N ASP B 446 15.09 10.12 -8.67
CA ASP B 446 14.49 9.38 -9.80
C ASP B 446 12.98 9.41 -9.62
N PRO B 447 12.28 10.08 -10.53
CA PRO B 447 10.83 10.16 -10.42
C PRO B 447 10.20 8.77 -10.44
N TYR B 448 10.73 7.85 -11.25
CA TYR B 448 10.09 6.54 -11.39
C TYR B 448 10.22 5.63 -10.20
N LEU B 449 11.05 5.99 -9.22
CA LEU B 449 11.09 5.24 -7.98
C LEU B 449 9.92 5.67 -7.10
N TRP B 450 9.44 6.90 -7.32
CA TRP B 450 8.36 7.47 -6.52
C TRP B 450 8.66 7.32 -5.03
N GLN B 451 9.85 7.78 -4.65
CA GLN B 451 10.23 7.71 -3.24
C GLN B 451 9.87 9.08 -2.67
N PHE B 452 8.85 9.08 -1.82
CA PHE B 452 8.41 10.35 -1.27
C PHE B 452 8.07 10.17 0.19
N ALA B 453 7.94 11.31 0.85
CA ALA B 453 7.55 11.37 2.24
C ALA B 453 6.21 12.12 2.22
N ASN B 454 5.14 11.35 2.27
CA ASN B 454 3.81 11.97 2.26
C ASN B 454 3.42 11.99 3.73
N ASP B 455 3.41 13.21 4.26
CA ASP B 455 3.15 13.35 5.69
C ASP B 455 2.09 14.40 5.92
N PRO B 456 0.86 13.94 6.13
CA PRO B 456 -0.24 14.84 6.40
C PRO B 456 -0.13 15.45 7.78
N LYS B 457 0.74 14.96 8.67
CA LYS B 457 0.96 15.51 9.99
C LYS B 457 -0.31 15.60 10.80
N PHE B 458 -1.09 14.53 10.67
CA PHE B 458 -2.38 14.49 11.34
C PHE B 458 -2.17 14.58 12.85
N PHE B 459 -3.02 15.36 13.48
CA PHE B 459 -3.07 15.54 14.91
C PHE B 459 -1.81 16.12 15.49
N LEU B 460 -0.94 16.73 14.68
CA LEU B 460 0.24 17.39 15.23
C LEU B 460 -0.18 18.78 15.69
N ASN B 461 -1.40 19.17 15.34
CA ASN B 461 -2.02 20.36 15.85
C ASN B 461 -3.08 19.88 16.85
N GLU B 462 -3.01 20.36 18.08
CA GLU B 462 -3.88 19.90 19.15
C GLU B 462 -5.36 20.13 18.87
N PHE B 463 -5.69 21.22 18.18
CA PHE B 463 -7.07 21.53 17.88
C PHE B 463 -7.68 20.46 16.99
N ASP B 464 -6.92 19.97 16.02
CA ASP B 464 -7.44 18.93 15.13
C ASP B 464 -7.79 17.67 15.90
N LEU B 465 -6.96 17.36 16.90
CA LEU B 465 -7.18 16.16 17.71
C LEU B 465 -8.43 16.37 18.56
N LEU B 466 -8.52 17.52 19.20
CA LEU B 466 -9.70 17.87 19.98
C LEU B 466 -10.97 17.85 19.15
N GLY B 467 -10.88 18.43 17.95
CA GLY B 467 -11.98 18.53 17.01
C GLY B 467 -12.45 17.13 16.59
N GLN B 468 -11.50 16.26 16.27
CA GLN B 468 -11.83 14.91 15.89
C GLN B 468 -12.43 14.12 17.06
N ALA B 469 -11.85 14.30 18.25
CA ALA B 469 -12.36 13.63 19.44
C ALA B 469 -13.79 14.07 19.73
N ALA B 470 -14.05 15.36 19.62
CA ALA B 470 -15.37 15.93 19.91
C ALA B 470 -16.38 15.47 18.87
N ALA B 471 -15.97 15.47 17.60
CA ALA B 471 -16.86 15.00 16.55
C ALA B 471 -17.19 13.53 16.81
N SER B 472 -16.19 12.73 17.20
CA SER B 472 -16.38 11.31 17.44
C SER B 472 -17.33 11.07 18.59
N LYS B 473 -17.13 11.82 19.67
CA LYS B 473 -18.01 11.77 20.83
C LYS B 473 -19.43 12.13 20.39
N LEU B 474 -19.54 13.16 19.56
CA LEU B 474 -20.83 13.61 19.05
C LEU B 474 -21.56 12.48 18.30
N ALA B 475 -20.85 11.78 17.44
CA ALA B 475 -21.44 10.66 16.70
C ALA B 475 -22.00 9.62 17.67
N ARG B 476 -21.23 9.29 18.71
CA ARG B 476 -21.71 8.33 19.70
C ARG B 476 -22.92 8.91 20.43
N ASP B 477 -22.82 10.16 20.85
CA ASP B 477 -23.92 10.79 21.57
C ASP B 477 -25.18 10.82 20.71
N LEU B 478 -25.06 11.21 19.45
CA LEU B 478 -26.21 11.29 18.57
C LEU B 478 -26.93 9.96 18.37
N THR B 479 -26.16 8.90 18.23
CA THR B 479 -26.64 7.57 17.99
C THR B 479 -27.65 7.06 19.01
N SER B 480 -27.48 7.38 20.29
CA SER B 480 -28.40 6.87 21.31
C SER B 480 -29.17 8.03 21.95
N GLN B 481 -29.48 9.01 21.11
CA GLN B 481 -30.17 10.21 21.56
C GLN B 481 -31.46 10.44 20.79
N GLY B 482 -32.44 11.05 21.46
CA GLY B 482 -33.71 11.39 20.84
C GLY B 482 -34.30 10.26 20.05
N ALA B 483 -34.72 10.57 18.82
CA ALA B 483 -35.31 9.61 17.91
C ALA B 483 -34.36 8.51 17.46
N MET B 484 -33.06 8.76 17.51
CA MET B 484 -32.06 7.78 17.14
C MET B 484 -32.04 6.58 18.08
N LYS B 485 -32.26 6.84 19.37
CA LYS B 485 -32.27 5.83 20.40
C LYS B 485 -33.15 4.64 20.07
N GLU B 486 -34.30 4.87 19.46
CA GLU B 486 -35.21 3.84 19.00
C GLU B 486 -34.53 2.77 18.15
N TYR B 487 -33.65 3.20 17.24
CA TYR B 487 -32.96 2.28 16.34
C TYR B 487 -31.60 1.81 16.83
N PHE B 488 -31.14 2.34 17.95
CA PHE B 488 -29.84 1.95 18.49
C PHE B 488 -29.86 0.54 19.03
N ALA B 489 -29.01 -0.34 18.52
CA ALA B 489 -28.97 -1.72 19.01
C ALA B 489 -27.57 -2.09 19.48
N GLY B 490 -26.84 -1.11 20.05
CA GLY B 490 -25.52 -1.40 20.58
C GLY B 490 -24.38 -0.90 19.68
N GLU B 491 -23.44 -0.24 20.34
CA GLU B 491 -22.27 0.28 19.65
C GLU B 491 -21.27 -0.85 19.44
N THR B 492 -20.71 -0.92 18.24
CA THR B 492 -19.72 -1.96 17.93
C THR B 492 -18.33 -1.34 17.82
N LEU B 493 -18.30 -0.06 17.47
CA LEU B 493 -17.04 0.66 17.31
C LEU B 493 -17.25 2.11 17.73
N PRO B 494 -16.49 2.58 18.71
CA PRO B 494 -15.46 1.81 19.37
C PRO B 494 -15.94 0.60 20.17
N GLY B 495 -17.19 0.59 20.57
CA GLY B 495 -17.77 -0.50 21.35
C GLY B 495 -17.02 -0.64 22.66
N TYR B 496 -16.55 -1.85 22.93
CA TYR B 496 -15.80 -2.10 24.16
C TYR B 496 -14.41 -1.51 24.15
N ASN B 497 -13.92 -1.01 23.01
CA ASN B 497 -12.61 -0.41 22.90
C ASN B 497 -12.54 0.97 23.54
N LEU B 498 -13.69 1.55 23.87
CA LEU B 498 -13.72 2.84 24.53
C LEU B 498 -14.95 2.90 25.46
N VAL B 499 -14.72 3.21 26.71
CA VAL B 499 -15.80 3.27 27.70
C VAL B 499 -16.91 4.15 27.16
N GLN B 500 -18.16 3.79 27.46
CA GLN B 500 -19.32 4.53 26.96
C GLN B 500 -19.41 5.94 27.53
N ASN B 501 -18.84 6.20 28.69
CA ASN B 501 -18.85 7.53 29.27
C ASN B 501 -17.57 8.30 28.91
N ALA B 502 -16.82 7.81 27.94
CA ALA B 502 -15.57 8.42 27.51
C ALA B 502 -15.64 9.94 27.48
N THR B 503 -14.64 10.54 28.09
CA THR B 503 -14.52 12.00 28.12
C THR B 503 -13.84 12.42 26.82
N LEU B 504 -13.73 13.71 26.58
CA LEU B 504 -13.04 14.21 25.40
C LEU B 504 -11.58 13.76 25.38
N SER B 505 -10.95 13.75 26.56
CA SER B 505 -9.59 13.29 26.73
C SER B 505 -9.43 11.82 26.35
N GLN B 506 -10.37 10.97 26.76
CA GLN B 506 -10.30 9.55 26.43
C GLN B 506 -10.56 9.34 24.95
N TRP B 507 -11.47 10.13 24.38
CA TRP B 507 -11.76 10.09 22.96
C TRP B 507 -10.53 10.51 22.17
N SER B 508 -9.79 11.52 22.67
CA SER B 508 -8.58 11.96 22.01
C SER B 508 -7.57 10.83 21.89
N ASP B 509 -7.37 10.12 23.00
CA ASP B 509 -6.45 8.97 23.01
C ASP B 509 -6.91 7.90 22.03
N TYR B 510 -8.21 7.63 22.03
CA TYR B 510 -8.78 6.63 21.15
C TYR B 510 -8.61 7.01 19.69
N VAL B 511 -8.97 8.25 19.36
CA VAL B 511 -8.87 8.78 18.01
C VAL B 511 -7.45 8.78 17.49
N LEU B 512 -6.49 9.15 18.34
CA LEU B 512 -5.09 9.16 17.94
C LEU B 512 -4.66 7.78 17.44
N GLN B 513 -5.16 6.73 18.08
CA GLN B 513 -4.84 5.37 17.69
C GLN B 513 -5.70 4.83 16.57
N ASN B 514 -6.95 5.30 16.47
CA ASN B 514 -7.91 4.77 15.53
C ASN B 514 -8.49 5.78 14.56
N PHE B 515 -7.63 6.35 13.76
CA PHE B 515 -8.11 7.30 12.74
C PHE B 515 -7.51 6.77 11.44
N ARG B 516 -7.98 7.31 10.34
CA ARG B 516 -7.38 7.03 9.05
C ARG B 516 -7.41 8.38 8.34
N PRO B 517 -6.59 8.51 7.32
CA PRO B 517 -6.61 9.72 6.52
C PRO B 517 -7.99 9.73 5.86
N ASN B 518 -8.50 10.94 5.64
CA ASN B 518 -9.73 11.09 4.88
C ASN B 518 -9.46 10.98 3.39
N TRP B 519 -8.19 11.01 2.97
CA TRP B 519 -7.77 10.89 1.59
C TRP B 519 -8.30 12.00 0.72
N HIS B 520 -8.38 13.20 1.29
CA HIS B 520 -8.87 14.38 0.59
C HIS B 520 -7.83 15.49 0.71
N ALA B 521 -6.56 15.07 0.67
CA ALA B 521 -5.51 16.10 0.80
C ALA B 521 -5.64 17.14 -0.28
N VAL B 522 -5.54 18.42 0.12
CA VAL B 522 -5.55 19.52 -0.81
C VAL B 522 -4.37 20.42 -0.44
N SER B 523 -4.17 21.46 -1.19
CA SER B 523 -3.24 22.54 -0.91
C SER B 523 -1.78 22.13 -0.82
N SER B 524 -1.39 21.15 -1.62
CA SER B 524 0.02 20.75 -1.71
C SER B 524 0.71 21.57 -2.77
N CYS B 525 -0.03 22.28 -3.62
CA CYS B 525 0.46 23.24 -4.59
C CYS B 525 -0.53 24.42 -4.55
N SER B 526 -0.62 24.98 -3.37
CA SER B 526 -1.65 25.98 -3.10
C SER B 526 -1.76 27.11 -4.11
N MET B 527 -3.03 27.29 -4.49
CA MET B 527 -3.38 28.39 -5.36
C MET B 527 -3.70 29.57 -4.43
N MET B 528 -2.70 30.42 -4.26
CA MET B 528 -2.91 31.62 -3.44
C MET B 528 -1.83 32.61 -3.86
N SER B 529 -1.98 33.84 -3.35
CA SER B 529 -0.98 34.82 -3.77
C SER B 529 0.40 34.28 -3.43
N ARG B 530 1.37 34.74 -4.21
CA ARG B 530 2.74 34.29 -3.98
C ARG B 530 3.20 34.65 -2.59
N GLU B 531 2.83 35.83 -2.08
CA GLU B 531 3.21 36.32 -0.76
C GLU B 531 2.61 35.49 0.36
N LEU B 532 1.46 34.86 0.08
CA LEU B 532 0.84 33.99 1.08
C LEU B 532 1.42 32.58 1.02
N GLY B 533 2.33 32.35 0.08
CA GLY B 533 3.00 31.04 0.05
C GLY B 533 2.40 30.17 -1.04
N GLY B 534 1.73 30.79 -2.01
CA GLY B 534 1.13 30.07 -3.10
C GLY B 534 2.17 29.45 -4.01
N VAL B 535 1.76 28.40 -4.70
CA VAL B 535 2.58 27.73 -5.69
C VAL B 535 2.05 28.08 -7.05
N VAL B 536 0.72 28.28 -7.15
CA VAL B 536 0.11 28.58 -8.43
C VAL B 536 -0.78 29.84 -8.26
N ASP B 537 -0.92 30.53 -9.36
CA ASP B 537 -1.71 31.78 -9.28
C ASP B 537 -3.16 31.47 -9.57
N ALA B 538 -3.94 32.53 -9.78
CA ALA B 538 -5.37 32.38 -10.02
C ALA B 538 -5.70 31.70 -11.32
N THR B 539 -4.76 31.49 -12.23
CA THR B 539 -5.03 30.78 -13.48
C THR B 539 -4.34 29.42 -13.41
N ALA B 540 -3.92 29.06 -12.21
CA ALA B 540 -3.26 27.79 -11.91
C ALA B 540 -1.86 27.70 -12.49
N LYS B 541 -1.26 28.80 -12.86
CA LYS B 541 0.10 28.83 -13.37
C LYS B 541 1.07 28.76 -12.21
N VAL B 542 2.10 27.92 -12.35
CA VAL B 542 3.10 27.84 -11.30
C VAL B 542 3.92 29.15 -11.33
N TYR B 543 3.96 29.80 -10.20
CA TYR B 543 4.70 31.07 -10.15
C TYR B 543 6.12 30.92 -10.67
N GLY B 544 6.52 31.91 -11.46
CA GLY B 544 7.88 31.99 -11.94
C GLY B 544 8.15 31.12 -13.15
N THR B 545 7.13 30.42 -13.64
CA THR B 545 7.32 29.55 -14.78
C THR B 545 6.38 30.01 -15.88
N GLN B 546 6.65 29.50 -17.07
CA GLN B 546 5.80 29.74 -18.22
C GLN B 546 5.35 28.35 -18.69
N GLY B 547 4.14 28.24 -19.16
CA GLY B 547 3.70 26.99 -19.79
C GLY B 547 3.50 25.85 -18.82
N LEU B 548 3.33 26.15 -17.55
CA LEU B 548 3.17 25.10 -16.56
C LEU B 548 2.07 25.48 -15.58
N ARG B 549 1.11 24.57 -15.44
CA ARG B 549 0.03 24.75 -14.49
C ARG B 549 -0.17 23.47 -13.68
N VAL B 550 -0.70 23.69 -12.50
CA VAL B 550 -1.13 22.52 -11.69
C VAL B 550 -2.64 22.71 -11.61
N ILE B 551 -3.41 21.73 -12.07
CA ILE B 551 -4.85 21.98 -12.19
C ILE B 551 -5.69 21.07 -11.32
N ASP B 552 -5.06 20.32 -10.45
CA ASP B 552 -5.80 19.31 -9.69
C ASP B 552 -6.08 19.72 -8.28
N GLY B 553 -6.39 18.71 -7.45
CA GLY B 553 -6.67 18.87 -6.05
C GLY B 553 -5.50 19.35 -5.23
N SER B 554 -4.30 19.51 -5.80
CA SER B 554 -3.18 20.09 -5.09
C SER B 554 -3.43 21.61 -4.88
N ILE B 555 -4.24 22.21 -5.74
CA ILE B 555 -4.33 23.68 -5.69
C ILE B 555 -5.31 24.37 -4.81
N PRO B 556 -6.45 23.85 -4.40
CA PRO B 556 -7.33 24.53 -3.49
C PRO B 556 -6.52 24.95 -2.27
N PRO B 557 -6.56 26.24 -1.95
CA PRO B 557 -5.80 26.79 -0.86
C PRO B 557 -6.35 26.45 0.50
N THR B 558 -7.62 26.00 0.54
CA THR B 558 -8.21 25.62 1.79
C THR B 558 -8.96 24.27 1.64
N GLN B 559 -9.22 23.72 2.80
CA GLN B 559 -10.14 22.59 2.87
C GLN B 559 -11.53 23.24 2.70
N VAL B 560 -12.51 22.40 2.45
CA VAL B 560 -13.88 22.87 2.23
C VAL B 560 -14.77 21.95 3.03
N SER B 561 -15.91 22.49 3.43
CA SER B 561 -16.87 21.73 4.26
C SER B 561 -17.79 21.05 3.25
N SER B 562 -17.20 20.09 2.55
CA SER B 562 -17.90 19.45 1.45
C SER B 562 -17.07 18.33 0.84
N HIS B 563 -17.79 17.58 0.01
CA HIS B 563 -17.13 16.59 -0.84
C HIS B 563 -16.64 17.41 -2.00
N VAL B 564 -15.43 17.17 -2.47
CA VAL B 564 -14.76 18.07 -3.39
C VAL B 564 -14.99 17.89 -4.86
N MET B 565 -15.65 16.78 -5.28
CA MET B 565 -15.82 16.61 -6.71
C MET B 565 -16.46 17.84 -7.36
N THR B 566 -17.55 18.30 -6.73
CA THR B 566 -18.27 19.44 -7.31
C THR B 566 -17.32 20.61 -7.56
N ILE B 567 -16.62 20.99 -6.50
CA ILE B 567 -15.74 22.17 -6.63
C ILE B 567 -14.56 21.89 -7.53
N PHE B 568 -14.06 20.64 -7.52
CA PHE B 568 -12.94 20.33 -8.42
C PHE B 568 -13.38 20.36 -9.86
N TYR B 569 -14.61 19.87 -10.15
CA TYR B 569 -15.06 19.97 -11.53
C TYR B 569 -15.20 21.45 -11.92
N GLY B 570 -15.77 22.22 -11.01
CA GLY B 570 -15.95 23.66 -11.29
C GLY B 570 -14.58 24.31 -11.47
N MET B 571 -13.66 23.94 -10.58
CA MET B 571 -12.30 24.48 -10.68
C MET B 571 -11.65 24.08 -11.99
N ALA B 572 -11.83 22.81 -12.42
CA ALA B 572 -11.26 22.34 -13.67
C ALA B 572 -11.84 23.10 -14.85
N LEU B 573 -13.16 23.35 -14.81
CA LEU B 573 -13.79 24.10 -15.88
C LEU B 573 -13.27 25.54 -15.93
N LYS B 574 -13.11 26.14 -14.76
CA LYS B 574 -12.63 27.51 -14.67
C LYS B 574 -11.22 27.60 -15.21
N VAL B 575 -10.39 26.65 -14.79
CA VAL B 575 -9.00 26.59 -15.26
C VAL B 575 -8.96 26.33 -16.74
N ALA B 576 -9.80 25.44 -17.27
CA ALA B 576 -9.81 25.19 -18.71
C ALA B 576 -10.08 26.50 -19.44
N ASP B 577 -11.05 27.28 -18.93
CA ASP B 577 -11.35 28.57 -19.54
C ASP B 577 -10.12 29.48 -19.52
N ALA B 578 -9.37 29.49 -18.42
CA ALA B 578 -8.17 30.31 -18.34
C ALA B 578 -7.14 29.84 -19.35
N ILE B 579 -6.98 28.50 -19.47
CA ILE B 579 -6.01 27.99 -20.43
C ILE B 579 -6.37 28.40 -21.86
N LEU B 580 -7.65 28.24 -22.18
CA LEU B 580 -8.18 28.60 -23.48
C LEU B 580 -8.04 30.11 -23.74
N ASP B 581 -8.19 30.92 -22.71
CA ASP B 581 -8.02 32.37 -22.87
C ASP B 581 -6.58 32.64 -23.30
N ASP B 582 -5.64 31.98 -22.64
CA ASP B 582 -4.22 32.13 -22.98
C ASP B 582 -3.92 31.62 -24.37
N TYR B 583 -4.53 30.49 -24.72
CA TYR B 583 -4.33 29.90 -26.04
C TYR B 583 -4.72 30.89 -27.14
N ALA B 584 -5.90 31.50 -26.96
CA ALA B 584 -6.44 32.47 -27.91
C ALA B 584 -5.55 33.70 -28.01
N LYS B 585 -4.87 34.07 -26.93
CA LYS B 585 -3.97 35.21 -26.90
C LYS B 585 -2.60 34.95 -27.50
N SER B 586 -2.33 33.77 -28.01
CA SER B 586 -1.08 33.44 -28.68
C SER B 586 -1.34 33.31 -30.19
N ALA B 587 -2.54 33.66 -30.62
CA ALA B 587 -2.98 33.58 -32.01
C ALA B 587 -3.47 32.17 -32.38
#